data_2BJR
#
_entry.id   2BJR
#
_cell.length_a   87.513
_cell.length_b   52.954
_cell.length_c   95.542
_cell.angle_alpha   90.00
_cell.angle_beta   99.17
_cell.angle_gamma   90.00
#
_symmetry.space_group_name_H-M   'P 1 21 1'
#
loop_
_entity.id
_entity.type
_entity.pdbx_description
1 polymer MFP2B
2 non-polymer 'ZINC ION'
3 non-polymer 'SULFATE ION'
4 water water
#
_entity_poly.entity_id   1
_entity_poly.type   'polypeptide(L)'
_entity_poly.pdbx_seq_one_letter_code
;(MSE)PNPPAKEDTWAFGPIGSPFPDNPVKALGQQN(MSE)YVALWYKNGRP(MSE)HGRAWNNGGVIECSFPYNKSELT
GVKDLGGQIQVLQYKGNHLSLGYWYNWIKYSDRFDK(MSE)DKGAE(MSE)LRCGDSFPILWSERPGGALLGYADNKTEI
ARFSHDGKVDEVSGSALAN(MSE)LIIARELKGGPPYCECEECKSEPPKPIVRVTLNEWADFRCGDPWPTVGTPVRALGR
SLDTLPGENPDQYVALWYQSGEPV(MSE)GRIWNDGGKIAACFGWGGHEYRQKIGSIQILYELPEAIRGFDYDWKPFPEA
AQFGAKEWIPVHVDHHKGNISPAVLIVDGKEILGKADIRNERATIGYGGTEKVLVGPAVHSC(MSE)VLCRKAKPGCTID
;
_entity_poly.pdbx_strand_id   A,B
#
loop_
_chem_comp.id
_chem_comp.type
_chem_comp.name
_chem_comp.formula
SO4 non-polymer 'SULFATE ION' 'O4 S -2'
ZN non-polymer 'ZINC ION' 'Zn 2'
#
# COMPACT_ATOMS: atom_id res chain seq x y z
N ALA A 6 -10.45 -16.34 10.40
CA ALA A 6 -9.02 -15.88 10.59
C ALA A 6 -8.49 -15.07 9.40
N LYS A 7 -7.90 -13.90 9.66
CA LYS A 7 -7.22 -13.13 8.62
C LYS A 7 -6.00 -13.92 8.15
N GLU A 8 -5.53 -13.58 6.97
CA GLU A 8 -4.31 -14.18 6.43
C GLU A 8 -3.14 -13.49 7.10
N ASP A 9 -1.98 -14.15 7.05
CA ASP A 9 -0.77 -13.51 7.54
C ASP A 9 -0.47 -12.23 6.82
N THR A 10 0.06 -11.26 7.53
CA THR A 10 0.50 -10.03 6.92
C THR A 10 2.00 -10.04 6.79
N TRP A 11 2.45 -9.91 5.54
CA TRP A 11 3.84 -9.73 5.20
C TRP A 11 3.98 -8.28 4.83
N ALA A 12 4.49 -7.50 5.76
CA ALA A 12 4.54 -6.07 5.63
C ALA A 12 5.65 -5.58 4.75
N PHE A 13 5.44 -4.41 4.19
CA PHE A 13 6.34 -3.74 3.26
C PHE A 13 7.64 -3.44 3.95
N GLY A 14 8.73 -3.85 3.31
CA GLY A 14 10.04 -3.79 3.94
C GLY A 14 11.13 -3.23 3.08
N PRO A 15 11.14 -1.92 2.88
CA PRO A 15 12.16 -1.34 2.02
C PRO A 15 13.55 -1.48 2.65
N ILE A 16 14.44 -2.16 1.93
CA ILE A 16 15.82 -2.35 2.39
C ILE A 16 16.47 -1.02 2.60
N GLY A 17 17.16 -0.86 3.72
CA GLY A 17 17.79 0.41 4.03
C GLY A 17 16.89 1.48 4.65
N SER A 18 15.65 1.15 4.94
CA SER A 18 14.74 2.01 5.67
C SER A 18 14.29 1.29 6.98
N PRO A 19 13.73 2.02 7.92
CA PRO A 19 13.27 1.37 9.17
C PRO A 19 12.24 0.30 9.00
N PHE A 20 12.15 -0.59 10.00
CA PHE A 20 11.22 -1.68 9.96
C PHE A 20 9.80 -1.19 9.99
N PRO A 21 8.91 -1.97 9.40
CA PRO A 21 7.46 -1.74 9.56
C PRO A 21 7.00 -1.96 11.01
N ASP A 22 5.78 -1.55 11.29
CA ASP A 22 5.21 -1.80 12.61
C ASP A 22 5.17 -3.26 12.97
N ASN A 23 5.39 -3.52 14.24
CA ASN A 23 5.19 -4.86 14.80
C ASN A 23 5.78 -6.07 14.04
N PRO A 24 7.07 -6.03 13.73
CA PRO A 24 7.69 -7.15 13.00
C PRO A 24 7.84 -8.38 13.90
N VAL A 25 7.82 -9.58 13.34
CA VAL A 25 7.87 -10.77 14.14
C VAL A 25 9.33 -11.22 14.25
N LYS A 26 9.84 -11.28 15.49
CA LYS A 26 11.18 -11.83 15.72
C LYS A 26 11.29 -13.32 15.65
N ALA A 27 12.42 -13.84 15.15
CA ALA A 27 12.75 -15.25 15.40
C ALA A 27 12.78 -15.48 16.91
N LEU A 28 12.14 -16.58 17.36
CA LEU A 28 11.90 -16.77 18.82
C LEU A 28 13.19 -16.70 19.57
N GLY A 29 13.25 -15.87 20.60
CA GLY A 29 14.43 -15.84 21.45
C GLY A 29 15.60 -15.02 20.94
N GLN A 30 15.50 -14.44 19.75
CA GLN A 30 16.63 -13.77 19.14
C GLN A 30 16.52 -12.27 19.28
N GLN A 31 17.66 -11.61 19.50
CA GLN A 31 17.64 -10.18 19.79
C GLN A 31 17.38 -9.32 18.57
N ASN A 32 17.89 -9.75 17.40
CA ASN A 32 17.92 -8.89 16.25
C ASN A 32 17.83 -9.69 14.97
N MSE A 33 16.79 -10.48 14.90
CA MSE A 33 16.59 -11.38 13.77
C MSE A 33 15.08 -11.50 13.58
O MSE A 33 14.39 -11.93 14.50
CB MSE A 33 17.23 -12.76 14.04
CG MSE A 33 17.18 -13.70 12.88
SE MSE A 33 18.17 -15.33 13.30
CE MSE A 33 19.97 -14.44 13.51
N TYR A 34 14.59 -11.15 12.37
CA TYR A 34 13.17 -11.07 12.07
C TYR A 34 12.82 -11.92 10.84
N VAL A 35 11.60 -12.43 10.83
CA VAL A 35 11.11 -13.31 9.78
C VAL A 35 10.88 -12.48 8.52
N ALA A 36 11.51 -12.89 7.42
CA ALA A 36 11.48 -12.14 6.17
C ALA A 36 11.18 -13.01 4.99
N LEU A 37 10.72 -12.34 3.96
CA LEU A 37 10.21 -12.99 2.74
C LEU A 37 10.64 -12.23 1.49
N TRP A 38 11.03 -13.00 0.46
CA TRP A 38 11.42 -12.42 -0.84
C TRP A 38 10.89 -13.35 -1.95
N TYR A 39 10.83 -12.79 -3.15
CA TYR A 39 10.33 -13.52 -4.31
C TYR A 39 11.32 -13.39 -5.44
N LYS A 40 11.51 -14.47 -6.17
CA LYS A 40 12.28 -14.45 -7.38
C LYS A 40 11.44 -15.15 -8.44
N ASN A 41 11.05 -14.41 -9.48
CA ASN A 41 10.27 -14.96 -10.60
C ASN A 41 8.97 -15.63 -10.09
N GLY A 42 8.26 -14.96 -9.18
CA GLY A 42 7.01 -15.44 -8.62
C GLY A 42 7.16 -16.53 -7.56
N ARG A 43 8.39 -16.95 -7.22
CA ARG A 43 8.55 -18.04 -6.26
C ARG A 43 8.99 -17.44 -4.89
N PRO A 44 8.23 -17.70 -3.84
CA PRO A 44 8.55 -17.18 -2.51
C PRO A 44 9.67 -17.96 -1.86
N MSE A 45 10.52 -17.26 -1.14
CA MSE A 45 11.39 -17.92 -0.21
C MSE A 45 11.60 -17.11 1.07
O MSE A 45 11.72 -15.91 0.99
CB MSE A 45 12.74 -18.19 -0.87
CG MSE A 45 13.41 -17.00 -1.29
SE MSE A 45 14.85 -17.50 -2.69
CE MSE A 45 13.64 -17.27 -4.29
N HIS A 46 11.72 -17.80 2.20
CA HIS A 46 11.92 -17.09 3.47
C HIS A 46 13.40 -16.91 3.80
N GLY A 47 13.68 -15.93 4.67
CA GLY A 47 15.02 -15.54 5.04
C GLY A 47 14.88 -14.72 6.32
N ARG A 48 15.84 -13.84 6.51
CA ARG A 48 15.95 -13.11 7.74
C ARG A 48 16.32 -11.66 7.50
N ALA A 49 15.80 -10.78 8.36
CA ALA A 49 16.15 -9.40 8.37
C ALA A 49 16.69 -9.04 9.75
N TRP A 50 17.43 -7.94 9.80
CA TRP A 50 17.98 -7.42 11.07
C TRP A 50 18.19 -5.95 11.00
N ASN A 51 18.28 -5.33 12.16
CA ASN A 51 18.53 -3.94 12.32
C ASN A 51 20.04 -3.63 12.25
N ASN A 52 20.43 -2.74 11.33
CA ASN A 52 21.76 -2.10 11.36
C ASN A 52 21.60 -0.60 11.17
N GLY A 53 21.98 0.17 12.17
CA GLY A 53 21.81 1.61 12.13
C GLY A 53 20.38 2.09 12.04
N GLY A 54 19.42 1.30 12.51
CA GLY A 54 18.04 1.70 12.47
C GLY A 54 17.24 1.31 11.24
N VAL A 55 17.87 0.59 10.33
CA VAL A 55 17.23 0.16 9.08
C VAL A 55 17.43 -1.28 8.77
N ILE A 56 16.60 -1.78 7.84
CA ILE A 56 16.57 -3.17 7.43
C ILE A 56 17.82 -3.55 6.63
N GLU A 57 18.49 -4.62 7.09
CA GLU A 57 19.39 -5.42 6.27
C GLU A 57 18.78 -6.80 6.25
N CYS A 58 19.13 -7.62 5.28
CA CYS A 58 18.54 -8.92 5.16
C CYS A 58 19.42 -9.90 4.38
N SER A 59 19.07 -11.17 4.49
CA SER A 59 19.82 -12.28 3.89
C SER A 59 18.89 -13.39 3.46
N PHE A 60 19.04 -13.86 2.21
CA PHE A 60 18.23 -14.94 1.67
C PHE A 60 19.18 -15.90 0.91
N PRO A 61 18.93 -17.19 0.99
CA PRO A 61 19.65 -18.18 0.20
C PRO A 61 19.03 -18.41 -1.18
N TYR A 62 19.82 -18.21 -2.21
CA TYR A 62 19.36 -18.40 -3.59
C TYR A 62 20.55 -18.68 -4.50
N ASN A 63 20.39 -19.57 -5.48
CA ASN A 63 21.45 -19.82 -6.47
C ASN A 63 22.73 -20.15 -5.67
N LYS A 64 22.55 -20.94 -4.58
CA LYS A 64 23.65 -21.31 -3.67
C LYS A 64 24.50 -20.10 -3.16
N SER A 65 23.91 -18.92 -3.12
CA SER A 65 24.63 -17.75 -2.71
C SER A 65 23.83 -17.06 -1.63
N GLU A 66 24.51 -16.22 -0.87
CA GLU A 66 23.78 -15.37 0.07
C GLU A 66 23.46 -14.05 -0.62
N LEU A 67 22.18 -13.72 -0.74
CA LEU A 67 21.78 -12.45 -1.33
C LEU A 67 21.40 -11.49 -0.22
N THR A 68 22.02 -10.33 -0.21
CA THR A 68 21.82 -9.33 0.81
C THR A 68 21.61 -7.97 0.23
N GLY A 69 22.19 -7.69 -0.93
CA GLY A 69 22.03 -6.32 -1.43
C GLY A 69 20.63 -5.93 -1.93
N VAL A 70 20.30 -4.64 -1.85
CA VAL A 70 19.37 -4.02 -2.82
C VAL A 70 19.74 -4.43 -4.25
N LYS A 71 21.01 -4.54 -4.58
CA LYS A 71 21.36 -5.03 -5.93
C LYS A 71 21.10 -6.54 -6.17
N ASP A 72 21.28 -7.38 -5.14
CA ASP A 72 20.84 -8.76 -5.23
C ASP A 72 19.29 -8.85 -5.24
N LEU A 73 18.64 -8.10 -4.35
CA LEU A 73 17.24 -8.39 -3.99
C LEU A 73 16.23 -7.43 -4.58
N GLY A 74 16.69 -6.32 -5.11
CA GLY A 74 15.81 -5.23 -5.43
C GLY A 74 15.58 -4.40 -4.19
N GLY A 75 14.72 -3.40 -4.31
CA GLY A 75 14.61 -2.38 -3.27
C GLY A 75 13.86 -2.80 -2.00
N GLN A 76 13.06 -3.86 -2.08
CA GLN A 76 12.19 -4.24 -0.98
C GLN A 76 11.97 -5.74 -0.80
N ILE A 77 11.84 -6.11 0.47
CA ILE A 77 11.42 -7.42 0.89
C ILE A 77 10.17 -7.26 1.72
N GLN A 78 9.69 -8.35 2.28
CA GLN A 78 8.59 -8.27 3.26
C GLN A 78 9.05 -8.83 4.60
N VAL A 79 8.51 -8.25 5.68
CA VAL A 79 8.76 -8.70 7.06
C VAL A 79 7.46 -9.09 7.69
N LEU A 80 7.44 -10.29 8.24
CA LEU A 80 6.24 -10.78 8.90
C LEU A 80 5.83 -9.78 9.99
N GLN A 81 4.53 -9.51 10.04
CA GLN A 81 3.96 -8.53 10.97
C GLN A 81 2.89 -9.18 11.78
N TYR A 82 2.83 -8.83 13.07
CA TYR A 82 1.76 -9.25 13.92
C TYR A 82 1.29 -8.00 14.69
N LYS A 83 0.35 -7.26 14.06
CA LYS A 83 -0.19 -5.99 14.55
C LYS A 83 -1.62 -6.29 14.97
N GLY A 84 -1.93 -6.08 16.24
CA GLY A 84 -3.25 -6.38 16.77
C GLY A 84 -3.11 -7.62 17.62
N ASN A 85 -4.23 -8.28 17.87
CA ASN A 85 -4.22 -9.50 18.64
C ASN A 85 -5.24 -10.49 18.12
N HIS A 86 -5.36 -11.63 18.79
CA HIS A 86 -6.20 -12.69 18.26
C HIS A 86 -7.69 -12.33 18.15
N LEU A 87 -8.16 -11.34 18.89
CA LEU A 87 -9.55 -10.90 18.76
C LEU A 87 -9.85 -10.30 17.39
N SER A 88 -8.95 -9.44 16.89
CA SER A 88 -9.10 -8.81 15.57
C SER A 88 -8.54 -9.65 14.42
N LEU A 89 -7.58 -10.54 14.71
CA LEU A 89 -6.91 -11.32 13.67
C LEU A 89 -7.40 -12.76 13.50
N GLY A 90 -7.88 -13.37 14.57
CA GLY A 90 -8.28 -14.76 14.49
C GLY A 90 -7.18 -15.78 14.69
N TYR A 91 -5.95 -15.31 14.95
CA TYR A 91 -4.82 -16.20 15.15
C TYR A 91 -3.76 -15.54 16.01
N TRP A 92 -2.90 -16.38 16.55
CA TRP A 92 -1.61 -15.93 17.13
C TRP A 92 -0.55 -16.95 16.74
N TYR A 93 0.70 -16.51 16.75
CA TYR A 93 1.82 -17.34 16.31
C TYR A 93 2.45 -18.08 17.48
N ASN A 94 2.68 -19.36 17.27
CA ASN A 94 3.32 -20.22 18.25
C ASN A 94 4.45 -20.97 17.59
N TRP A 95 5.66 -20.91 18.15
CA TRP A 95 6.79 -21.61 17.56
C TRP A 95 6.83 -23.02 18.06
N ILE A 96 6.83 -24.02 17.18
CA ILE A 96 6.86 -25.42 17.56
C ILE A 96 8.05 -26.12 16.98
N LYS A 97 8.38 -27.28 17.53
CA LYS A 97 9.43 -28.11 16.96
C LYS A 97 8.93 -28.66 15.63
N TYR A 98 9.84 -28.73 14.68
CA TYR A 98 9.51 -29.20 13.36
C TYR A 98 8.95 -30.64 13.47
N SER A 99 9.47 -31.43 14.41
CA SER A 99 9.01 -32.80 14.57
C SER A 99 7.57 -32.89 15.07
N ASP A 100 7.05 -31.81 15.65
CA ASP A 100 5.69 -31.77 16.22
C ASP A 100 4.64 -31.25 15.26
N ARG A 101 4.99 -31.00 14.00
CA ARG A 101 4.07 -30.29 13.10
C ARG A 101 2.79 -31.12 12.81
N PHE A 102 2.92 -32.43 12.71
CA PHE A 102 1.76 -33.29 12.37
C PHE A 102 0.77 -33.31 13.51
N ASP A 103 1.25 -33.51 14.74
CA ASP A 103 0.39 -33.45 15.92
C ASP A 103 -0.32 -32.12 16.07
N LYS A 104 0.43 -31.06 15.79
CA LYS A 104 -0.09 -29.73 15.89
C LYS A 104 -1.14 -29.46 14.82
N MSE A 105 -0.89 -29.91 13.61
CA MSE A 105 -1.89 -29.74 12.56
C MSE A 105 -3.18 -30.52 12.87
O MSE A 105 -4.27 -30.04 12.62
CB MSE A 105 -1.30 -30.16 11.21
CG MSE A 105 -0.37 -29.12 10.68
SE MSE A 105 0.25 -29.69 8.88
CE MSE A 105 1.62 -30.90 9.39
N ASP A 106 -3.02 -31.71 13.43
CA ASP A 106 -4.16 -32.54 13.81
C ASP A 106 -4.99 -31.98 14.96
N LYS A 107 -4.43 -31.06 15.74
CA LYS A 107 -5.14 -30.37 16.82
C LYS A 107 -5.70 -29.07 16.30
N GLY A 108 -5.50 -28.80 15.01
CA GLY A 108 -6.15 -27.68 14.38
C GLY A 108 -5.31 -26.47 14.09
N ALA A 109 -4.01 -26.54 14.34
CA ALA A 109 -3.14 -25.41 13.96
C ALA A 109 -2.91 -25.40 12.42
N GLU A 110 -2.70 -24.23 11.85
CA GLU A 110 -2.25 -24.06 10.44
C GLU A 110 -0.79 -23.64 10.42
N MSE A 111 0.03 -24.25 9.58
CA MSE A 111 1.45 -23.91 9.55
C MSE A 111 1.61 -22.68 8.74
O MSE A 111 0.99 -22.53 7.66
CB MSE A 111 2.28 -25.04 8.94
CG MSE A 111 2.32 -26.34 9.67
SE MSE A 111 2.81 -26.23 11.62
CE MSE A 111 1.02 -26.18 12.37
N LEU A 112 2.41 -21.75 9.22
CA LEU A 112 2.70 -20.60 8.43
C LEU A 112 3.48 -21.05 7.19
N ARG A 113 3.05 -20.54 6.05
CA ARG A 113 3.75 -20.85 4.79
C ARG A 113 3.44 -19.81 3.74
N CYS A 114 4.33 -19.70 2.76
CA CYS A 114 4.06 -18.97 1.50
C CYS A 114 4.41 -19.92 0.38
N GLY A 115 3.40 -20.42 -0.30
CA GLY A 115 3.65 -21.43 -1.32
C GLY A 115 4.31 -22.63 -0.70
N ASP A 116 5.43 -23.04 -1.23
CA ASP A 116 6.09 -24.21 -0.69
C ASP A 116 7.18 -23.85 0.35
N SER A 117 7.32 -22.58 0.71
CA SER A 117 8.39 -22.16 1.59
C SER A 117 7.80 -21.89 2.97
N PHE A 118 8.50 -22.34 4.01
CA PHE A 118 8.18 -21.87 5.33
C PHE A 118 9.42 -21.53 6.14
N PRO A 119 9.31 -20.52 6.98
CA PRO A 119 10.44 -20.19 7.86
C PRO A 119 10.83 -21.33 8.77
N ILE A 120 12.14 -21.48 9.01
CA ILE A 120 12.66 -22.47 9.94
C ILE A 120 13.84 -21.86 10.70
N LEU A 121 13.76 -21.97 12.01
CA LEU A 121 14.79 -21.45 12.91
C LEU A 121 15.63 -22.56 13.49
N TRP A 122 16.90 -22.54 13.13
CA TRP A 122 17.92 -23.41 13.68
C TRP A 122 18.40 -22.79 14.99
N SER A 123 17.60 -22.97 16.02
CA SER A 123 17.75 -22.27 17.29
C SER A 123 19.05 -22.65 18.01
N GLU A 124 19.43 -23.90 17.92
CA GLU A 124 20.57 -24.45 18.66
C GLU A 124 21.89 -24.47 17.88
N ARG A 125 21.97 -23.77 16.76
CA ARG A 125 23.13 -23.77 15.91
C ARG A 125 24.31 -23.22 16.69
N PRO A 126 25.41 -23.96 16.68
CA PRO A 126 26.61 -23.45 17.39
C PRO A 126 27.00 -22.08 16.89
N GLY A 127 27.20 -21.19 17.85
CA GLY A 127 27.66 -19.85 17.52
C GLY A 127 26.55 -18.86 17.23
N GLY A 128 25.31 -19.31 17.28
CA GLY A 128 24.18 -18.44 17.07
C GLY A 128 23.14 -19.03 16.15
N ALA A 129 21.89 -18.84 16.52
CA ALA A 129 20.75 -19.28 15.69
C ALA A 129 20.77 -18.66 14.31
N LEU A 130 20.25 -19.37 13.30
CA LEU A 130 20.00 -18.75 12.01
C LEU A 130 18.60 -19.13 11.60
N LEU A 131 17.94 -18.16 11.00
CA LEU A 131 16.62 -18.32 10.44
C LEU A 131 16.79 -18.50 8.94
N GLY A 132 16.16 -19.53 8.41
CA GLY A 132 16.19 -19.82 6.97
C GLY A 132 14.82 -20.28 6.48
N TYR A 133 14.79 -21.08 5.43
CA TYR A 133 13.54 -21.65 4.93
C TYR A 133 13.66 -23.07 4.58
N ALA A 134 12.53 -23.76 4.75
CA ALA A 134 12.41 -25.15 4.35
C ALA A 134 11.46 -25.21 3.14
N ASP A 135 11.78 -26.10 2.23
CA ASP A 135 10.97 -26.32 1.01
C ASP A 135 10.08 -27.50 1.27
N ASN A 136 8.78 -27.27 1.14
CA ASN A 136 7.80 -28.30 1.38
C ASN A 136 7.95 -29.53 0.48
N LYS A 137 8.42 -29.35 -0.71
CA LYS A 137 8.54 -30.48 -1.64
C LYS A 137 9.80 -31.31 -1.35
N THR A 138 10.96 -30.66 -1.23
CA THR A 138 12.21 -31.41 -1.03
C THR A 138 12.52 -31.72 0.41
N GLU A 139 11.85 -31.06 1.35
CA GLU A 139 12.18 -31.12 2.79
C GLU A 139 13.67 -30.81 3.08
N ILE A 140 14.23 -29.87 2.33
CA ILE A 140 15.57 -29.36 2.58
C ILE A 140 15.38 -27.98 3.19
N ALA A 141 16.14 -27.73 4.25
CA ALA A 141 16.26 -26.41 4.85
C ALA A 141 17.55 -25.69 4.40
N ARG A 142 17.44 -24.42 4.12
CA ARG A 142 18.55 -23.65 3.66
C ARG A 142 18.71 -22.39 4.51
N PHE A 143 19.96 -22.08 4.81
CA PHE A 143 20.34 -20.95 5.66
C PHE A 143 21.45 -20.17 5.01
N SER A 144 21.30 -18.86 4.90
CA SER A 144 22.31 -18.05 4.25
C SER A 144 23.17 -17.33 5.31
N HIS A 145 24.48 -17.33 5.13
CA HIS A 145 25.37 -16.63 6.07
C HIS A 145 26.77 -16.60 5.51
N ASP A 146 27.54 -15.57 5.85
CA ASP A 146 28.97 -15.54 5.51
C ASP A 146 29.20 -15.79 4.01
N GLY A 147 28.29 -15.33 3.16
CA GLY A 147 28.42 -15.53 1.72
C GLY A 147 28.17 -16.93 1.24
N LYS A 148 27.63 -17.79 2.10
CA LYS A 148 27.40 -19.19 1.76
C LYS A 148 26.00 -19.61 2.13
N VAL A 149 25.60 -20.79 1.65
CA VAL A 149 24.31 -21.37 1.99
C VAL A 149 24.48 -22.76 2.63
N ASP A 150 23.89 -22.99 3.80
CA ASP A 150 23.83 -24.34 4.37
C ASP A 150 22.61 -25.03 3.83
N GLU A 151 22.71 -26.35 3.64
CA GLU A 151 21.56 -27.17 3.37
C GLU A 151 21.54 -28.32 4.35
N VAL A 152 20.41 -28.49 5.01
CA VAL A 152 20.25 -29.49 6.03
C VAL A 152 18.92 -30.20 5.80
N SER A 153 18.93 -31.51 5.96
CA SER A 153 17.68 -32.27 5.87
C SER A 153 17.68 -33.46 6.80
N GLY A 154 16.55 -34.15 6.84
CA GLY A 154 16.41 -35.33 7.66
C GLY A 154 16.32 -35.03 9.13
N SER A 155 16.85 -35.93 9.95
CA SER A 155 16.64 -35.87 11.39
C SER A 155 17.27 -34.62 12.04
N ALA A 156 18.22 -33.97 11.36
CA ALA A 156 18.82 -32.75 11.89
C ALA A 156 17.84 -31.57 12.00
N LEU A 157 16.72 -31.67 11.26
CA LEU A 157 15.63 -30.70 11.36
C LEU A 157 14.75 -30.82 12.60
N ALA A 158 14.80 -31.95 13.30
CA ALA A 158 13.76 -32.34 14.27
C ALA A 158 13.41 -31.31 15.34
N ASN A 159 14.45 -30.70 15.89
CA ASN A 159 14.30 -29.73 16.98
C ASN A 159 14.36 -28.28 16.51
N MSE A 160 14.51 -28.05 15.22
CA MSE A 160 14.40 -26.67 14.71
C MSE A 160 12.95 -26.22 14.86
O MSE A 160 12.03 -27.04 14.98
CB MSE A 160 14.84 -26.63 13.23
CG MSE A 160 16.25 -27.03 13.08
SE MSE A 160 16.92 -26.60 11.32
CE MSE A 160 18.65 -27.53 11.41
N LEU A 161 12.73 -24.92 14.87
CA LEU A 161 11.43 -24.35 15.17
C LEU A 161 10.79 -23.73 13.91
N ILE A 162 9.49 -23.96 13.77
CA ILE A 162 8.64 -23.36 12.72
C ILE A 162 7.45 -22.70 13.38
N ILE A 163 6.81 -21.78 12.65
CA ILE A 163 5.66 -21.03 13.16
C ILE A 163 4.32 -21.73 12.85
N ALA A 164 3.52 -21.93 13.89
CA ALA A 164 2.11 -22.36 13.74
C ALA A 164 1.19 -21.18 14.01
N ARG A 165 0.15 -21.04 13.20
CA ARG A 165 -0.97 -20.19 13.50
C ARG A 165 -1.96 -20.96 14.41
N GLU A 166 -2.21 -20.39 15.58
CA GLU A 166 -3.14 -20.97 16.54
C GLU A 166 -4.45 -20.23 16.36
N LEU A 167 -5.49 -20.98 16.05
CA LEU A 167 -6.77 -20.44 15.65
C LEU A 167 -7.79 -20.37 16.82
N LYS A 168 -7.43 -20.93 17.97
CA LYS A 168 -8.29 -20.85 19.16
C LYS A 168 -7.60 -20.21 20.37
N GLY A 169 -8.34 -19.34 21.05
CA GLY A 169 -7.85 -18.65 22.22
C GLY A 169 -6.79 -17.62 21.88
N GLY A 170 -6.01 -17.32 22.91
CA GLY A 170 -4.96 -16.34 22.83
C GLY A 170 -3.66 -16.94 23.29
N PRO A 171 -2.60 -16.18 23.13
CA PRO A 171 -1.29 -16.65 23.58
C PRO A 171 -1.24 -16.66 25.12
N PRO A 172 -0.27 -17.35 25.71
CA PRO A 172 -0.24 -17.63 27.17
C PRO A 172 -0.33 -16.43 28.13
N TYR A 173 0.11 -15.25 27.71
CA TYR A 173 0.12 -14.08 28.59
C TYR A 173 -0.82 -12.98 28.10
N CYS A 174 -1.76 -13.32 27.22
CA CYS A 174 -2.68 -12.33 26.73
C CYS A 174 -3.48 -11.67 27.85
N GLU A 175 -3.69 -10.36 27.73
CA GLU A 175 -4.45 -9.56 28.71
C GLU A 175 -5.69 -8.88 28.09
N CYS A 176 -6.15 -9.38 26.95
CA CYS A 176 -7.42 -8.96 26.37
C CYS A 176 -8.58 -9.44 27.29
N GLU A 177 -9.74 -8.83 27.14
CA GLU A 177 -10.85 -9.11 28.06
C GLU A 177 -11.36 -10.55 28.03
N GLU A 178 -11.24 -11.22 26.89
CA GLU A 178 -11.67 -12.63 26.80
C GLU A 178 -10.72 -13.56 27.52
N CYS A 179 -9.41 -13.32 27.36
CA CYS A 179 -8.41 -14.14 27.98
C CYS A 179 -8.38 -13.88 29.49
N LYS A 180 -8.60 -12.61 29.85
CA LYS A 180 -8.66 -12.20 31.26
C LYS A 180 -9.80 -12.95 31.97
N SER A 181 -10.92 -13.14 31.29
CA SER A 181 -12.10 -13.79 31.88
C SER A 181 -12.04 -15.33 31.86
N GLU A 182 -11.06 -15.89 31.15
CA GLU A 182 -10.95 -17.35 31.08
C GLU A 182 -10.41 -17.86 32.42
N PRO A 183 -10.72 -19.12 32.74
CA PRO A 183 -10.19 -19.76 33.96
C PRO A 183 -8.67 -20.01 33.91
N PRO A 184 -7.91 -19.51 34.89
CA PRO A 184 -6.44 -19.58 34.81
C PRO A 184 -5.89 -20.99 34.51
N LYS A 185 -4.77 -20.98 33.78
CA LYS A 185 -4.03 -22.19 33.41
C LYS A 185 -2.61 -22.03 33.97
N PRO A 186 -1.94 -23.13 34.33
CA PRO A 186 -0.54 -23.01 34.77
C PRO A 186 0.35 -22.37 33.70
N ILE A 187 1.12 -21.36 34.08
CA ILE A 187 2.05 -20.70 33.16
C ILE A 187 3.50 -20.93 33.60
N VAL A 188 4.40 -20.94 32.62
CA VAL A 188 5.80 -20.77 32.92
C VAL A 188 6.01 -19.26 32.97
N ARG A 189 6.62 -18.75 34.03
CA ARG A 189 6.94 -17.32 34.05
C ARG A 189 8.05 -16.98 33.03
N VAL A 190 7.98 -15.76 32.53
CA VAL A 190 8.85 -15.27 31.47
C VAL A 190 10.24 -15.05 32.02
N THR A 191 11.26 -15.56 31.35
CA THR A 191 12.65 -15.33 31.78
C THR A 191 13.51 -14.57 30.78
N LEU A 192 12.95 -14.26 29.61
CA LEU A 192 13.62 -13.41 28.65
C LEU A 192 13.23 -11.94 28.83
N ASN A 193 14.18 -11.05 28.75
CA ASN A 193 13.89 -9.61 28.77
C ASN A 193 12.95 -9.32 27.62
N GLU A 194 11.97 -8.50 27.88
CA GLU A 194 10.96 -8.13 26.91
C GLU A 194 11.40 -6.85 26.17
N TRP A 195 11.64 -6.96 24.86
CA TRP A 195 12.05 -5.83 24.04
C TRP A 195 11.01 -5.53 22.96
N ALA A 196 10.55 -4.29 22.85
CA ALA A 196 9.50 -3.97 21.94
C ALA A 196 10.09 -3.15 20.78
N ASP A 197 9.63 -3.40 19.57
CA ASP A 197 10.08 -2.64 18.37
C ASP A 197 9.26 -1.39 18.15
N PHE A 198 9.98 -0.29 17.96
CA PHE A 198 9.45 1.01 17.62
C PHE A 198 10.42 1.75 16.75
N ARG A 199 9.94 2.77 16.05
CA ARG A 199 10.81 3.69 15.36
C ARG A 199 10.86 4.99 16.11
N CYS A 200 12.00 5.66 16.11
CA CYS A 200 12.09 6.99 16.66
C CYS A 200 11.13 7.87 15.92
N GLY A 201 10.46 8.72 16.68
CA GLY A 201 9.38 9.56 16.19
C GLY A 201 7.99 8.94 16.16
N ASP A 202 7.87 7.65 16.39
CA ASP A 202 6.58 7.01 16.63
C ASP A 202 6.01 7.61 17.92
N PRO A 203 4.70 7.50 18.14
CA PRO A 203 4.11 7.90 19.42
C PRO A 203 4.67 7.08 20.56
N TRP A 204 4.74 7.68 21.75
CA TRP A 204 5.24 7.03 22.96
C TRP A 204 4.46 5.70 23.18
N PRO A 205 5.13 4.65 23.62
CA PRO A 205 4.51 3.34 23.80
C PRO A 205 3.29 3.32 24.75
N THR A 206 2.27 2.56 24.34
CA THR A 206 1.05 2.30 25.13
C THR A 206 0.92 0.82 25.49
N VAL A 207 1.75 -0.04 24.89
CA VAL A 207 1.58 -1.50 24.94
C VAL A 207 2.41 -2.12 26.07
N GLY A 208 3.21 -1.24 26.73
CA GLY A 208 4.05 -1.66 27.83
C GLY A 208 4.71 -0.53 28.58
N THR A 209 5.50 -0.93 29.55
CA THR A 209 6.07 -0.05 30.54
C THR A 209 7.56 0.02 30.31
N PRO A 210 8.07 1.13 29.78
CA PRO A 210 9.52 1.28 29.57
C PRO A 210 10.24 1.37 30.93
N VAL A 211 11.53 1.09 30.92
CA VAL A 211 12.32 0.97 32.10
C VAL A 211 13.12 2.24 32.30
N ARG A 212 12.81 2.96 33.39
CA ARG A 212 13.38 4.28 33.62
C ARG A 212 14.70 4.22 34.35
N ALA A 213 15.67 5.01 33.92
CA ALA A 213 16.95 5.11 34.52
C ALA A 213 16.78 5.32 36.04
N LEU A 214 17.37 4.41 36.84
CA LEU A 214 17.37 4.47 38.30
C LEU A 214 15.96 4.38 38.92
N GLY A 215 14.96 4.09 38.11
CA GLY A 215 13.57 4.12 38.58
C GLY A 215 13.02 5.46 39.02
N ARG A 216 13.59 6.55 38.53
CA ARG A 216 13.19 7.87 38.95
C ARG A 216 13.69 8.92 37.98
N SER A 217 13.23 10.16 38.12
CA SER A 217 13.86 11.26 37.41
C SER A 217 15.35 11.40 37.84
N LEU A 218 16.19 11.67 36.86
CA LEU A 218 17.58 11.96 37.07
C LEU A 218 17.89 13.42 37.33
N ASP A 219 18.94 13.64 38.09
CA ASP A 219 19.62 14.96 38.13
C ASP A 219 20.67 14.93 37.03
N THR A 220 20.25 15.36 35.83
CA THR A 220 21.00 15.03 34.60
C THR A 220 21.75 16.22 33.99
N LEU A 221 22.34 15.99 32.83
CA LEU A 221 23.12 16.99 32.16
C LEU A 221 22.28 18.03 31.43
N PRO A 222 22.87 19.20 31.23
CA PRO A 222 22.20 20.26 30.44
C PRO A 222 21.76 19.76 29.08
N GLY A 223 20.51 20.05 28.74
CA GLY A 223 19.91 19.68 27.48
C GLY A 223 19.25 18.31 27.47
N GLU A 224 19.33 17.56 28.55
CA GLU A 224 18.73 16.26 28.59
C GLU A 224 17.47 16.25 29.41
N ASN A 225 16.52 15.43 28.99
CA ASN A 225 15.32 15.15 29.76
C ASN A 225 15.64 14.31 31.00
N PRO A 226 15.15 14.71 32.18
CA PRO A 226 15.34 13.93 33.40
C PRO A 226 14.74 12.50 33.39
N ASP A 227 13.76 12.22 32.53
CA ASP A 227 13.13 10.90 32.47
C ASP A 227 13.61 10.20 31.19
N GLN A 228 14.53 9.28 31.43
CA GLN A 228 15.26 8.58 30.39
C GLN A 228 15.03 7.10 30.55
N TYR A 229 14.84 6.38 29.44
CA TYR A 229 14.46 4.99 29.48
C TYR A 229 15.37 4.17 28.58
N VAL A 230 15.51 2.89 28.91
CA VAL A 230 16.44 2.01 28.22
C VAL A 230 15.98 1.62 26.81
N ALA A 231 16.89 1.77 25.84
CA ALA A 231 16.63 1.37 24.45
C ALA A 231 17.92 0.80 23.90
N LEU A 232 17.76 -0.03 22.87
CA LEU A 232 18.82 -0.68 22.14
C LEU A 232 18.76 -0.35 20.66
N TRP A 233 19.93 -0.05 20.11
CA TRP A 233 20.13 0.22 18.70
C TRP A 233 21.31 -0.65 18.26
N TYR A 234 21.65 -0.60 16.96
CA TYR A 234 22.74 -1.37 16.40
C TYR A 234 23.58 -0.49 15.46
N GLN A 235 24.90 -0.60 15.54
CA GLN A 235 25.81 0.05 14.60
C GLN A 235 26.88 -0.96 14.22
N SER A 236 27.00 -1.22 12.92
CA SER A 236 27.88 -2.25 12.41
C SER A 236 27.77 -3.59 13.07
N GLY A 237 26.56 -4.10 13.32
CA GLY A 237 26.37 -5.35 13.97
C GLY A 237 26.64 -5.34 15.47
N GLU A 238 26.97 -4.18 16.02
CA GLU A 238 27.24 -4.06 17.46
C GLU A 238 26.03 -3.49 18.23
N PRO A 239 25.67 -4.11 19.34
CA PRO A 239 24.57 -3.59 20.19
C PRO A 239 24.96 -2.35 20.94
N VAL A 240 24.10 -1.34 20.90
CA VAL A 240 24.33 -0.06 21.54
C VAL A 240 23.13 0.24 22.45
N MSE A 241 23.38 0.26 23.76
CA MSE A 241 22.38 0.72 24.69
C MSE A 241 22.44 2.23 24.79
O MSE A 241 23.46 2.86 24.70
CB MSE A 241 22.50 0.12 26.08
CG MSE A 241 22.39 -1.33 26.16
SE MSE A 241 20.63 -2.01 25.86
CE MSE A 241 21.12 -3.83 26.13
N GLY A 242 21.28 2.83 24.90
CA GLY A 242 21.22 4.24 25.03
C GLY A 242 19.91 4.65 25.66
N ARG A 243 19.53 5.89 25.42
CA ARG A 243 18.39 6.48 26.11
C ARG A 243 17.31 7.00 25.19
N ILE A 244 16.05 6.80 25.59
CA ILE A 244 14.93 7.50 24.99
C ILE A 244 14.20 8.40 25.99
N TRP A 245 13.50 9.40 25.47
CA TRP A 245 12.62 10.24 26.29
C TRP A 245 11.45 10.64 25.42
N ASN A 246 10.40 11.10 26.10
CA ASN A 246 9.15 11.44 25.46
C ASN A 246 9.25 12.92 25.08
N ASP A 247 9.34 13.18 23.78
CA ASP A 247 9.45 14.52 23.24
C ASP A 247 8.12 14.87 22.54
N GLY A 248 7.28 15.56 23.28
CA GLY A 248 6.00 16.00 22.73
C GLY A 248 5.07 14.88 22.29
N GLY A 249 5.10 13.76 23.00
CA GLY A 249 4.31 12.58 22.71
C GLY A 249 4.98 11.56 21.78
N LYS A 250 6.20 11.89 21.32
CA LYS A 250 6.94 11.10 20.32
C LYS A 250 8.22 10.53 20.97
N ILE A 251 8.61 9.36 20.53
CA ILE A 251 9.90 8.78 20.97
C ILE A 251 11.10 9.56 20.40
N ALA A 252 11.96 10.04 21.29
CA ALA A 252 13.22 10.64 20.93
C ALA A 252 14.31 9.81 21.59
N ALA A 253 15.48 9.76 20.95
CA ALA A 253 16.57 8.89 21.40
C ALA A 253 17.93 9.54 21.25
N CYS A 254 18.89 9.04 22.03
CA CYS A 254 20.29 9.35 21.83
C CYS A 254 21.17 8.17 22.15
N PHE A 255 22.10 7.85 21.25
CA PHE A 255 23.10 6.79 21.44
C PHE A 255 24.50 7.35 21.21
N GLY A 256 25.49 6.76 21.88
CA GLY A 256 26.88 7.04 21.65
C GLY A 256 27.59 5.77 21.21
N TRP A 257 28.36 5.86 20.13
CA TRP A 257 29.07 4.72 19.61
C TRP A 257 30.09 5.23 18.60
N GLY A 258 31.18 4.51 18.51
CA GLY A 258 32.27 4.78 17.54
C GLY A 258 32.85 6.17 17.62
N GLY A 259 32.84 6.75 18.81
CA GLY A 259 33.30 8.12 19.07
C GLY A 259 32.31 9.20 18.71
N HIS A 260 31.08 8.84 18.33
CA HIS A 260 30.08 9.82 17.93
C HIS A 260 28.81 9.79 18.81
N GLU A 261 28.04 10.87 18.71
CA GLU A 261 26.71 10.96 19.23
C GLU A 261 25.73 10.87 18.08
N TYR A 262 24.65 10.12 18.30
CA TYR A 262 23.58 9.95 17.33
C TYR A 262 22.30 10.39 18.00
N ARG A 263 21.71 11.48 17.50
CA ARG A 263 20.46 12.04 18.03
C ARG A 263 19.41 12.26 16.94
N GLN A 264 19.71 11.98 15.69
CA GLN A 264 18.71 12.10 14.62
C GLN A 264 18.87 10.99 13.60
N LYS A 265 17.80 10.76 12.84
CA LYS A 265 17.73 9.74 11.80
C LYS A 265 18.04 8.35 12.40
N ILE A 266 17.54 8.12 13.60
CA ILE A 266 17.89 6.93 14.37
C ILE A 266 17.12 5.69 13.84
N GLY A 267 15.87 5.89 13.44
CA GLY A 267 15.10 4.83 12.82
C GLY A 267 14.64 3.79 13.85
N SER A 268 14.77 2.52 13.49
CA SER A 268 14.29 1.41 14.29
C SER A 268 15.15 1.19 15.56
N ILE A 269 14.48 1.12 16.72
CA ILE A 269 15.11 0.82 18.01
C ILE A 269 14.30 -0.23 18.74
N GLN A 270 14.84 -0.74 19.84
CA GLN A 270 14.12 -1.69 20.68
C GLN A 270 13.99 -1.08 22.08
N ILE A 271 12.79 -1.09 22.60
CA ILE A 271 12.55 -0.51 23.91
C ILE A 271 12.33 -1.61 24.93
N LEU A 272 13.05 -1.52 26.06
CA LEU A 272 12.93 -2.53 27.10
C LEU A 272 11.62 -2.29 27.90
N TYR A 273 10.88 -3.35 28.14
CA TYR A 273 9.64 -3.30 28.90
C TYR A 273 9.74 -4.10 30.18
N GLU A 274 9.14 -3.57 31.23
CA GLU A 274 8.96 -4.30 32.49
C GLU A 274 7.61 -4.96 32.39
N LEU A 275 7.64 -6.29 32.44
CA LEU A 275 6.45 -7.07 32.34
C LEU A 275 5.60 -6.96 33.59
N PRO A 276 4.31 -7.27 33.49
CA PRO A 276 3.46 -7.33 34.69
C PRO A 276 4.02 -8.32 35.71
N GLU A 277 3.97 -7.99 37.00
CA GLU A 277 4.69 -8.81 37.97
C GLU A 277 4.24 -10.27 37.94
N ALA A 278 2.95 -10.48 37.71
CA ALA A 278 2.37 -11.82 37.77
C ALA A 278 2.92 -12.76 36.69
N ILE A 279 3.43 -12.25 35.56
CA ILE A 279 3.92 -13.16 34.52
C ILE A 279 5.45 -13.24 34.42
N ARG A 280 6.15 -12.35 35.10
CA ARG A 280 7.60 -12.28 34.95
C ARG A 280 8.33 -13.17 35.94
N GLY A 281 9.48 -13.68 35.52
CA GLY A 281 10.25 -14.58 36.32
C GLY A 281 11.44 -13.90 36.96
N PHE A 282 11.50 -12.57 36.86
CA PHE A 282 12.62 -11.79 37.36
C PHE A 282 12.18 -10.35 37.65
N ASP A 283 12.93 -9.65 38.50
CA ASP A 283 12.71 -8.26 38.78
C ASP A 283 13.94 -7.42 38.42
N TYR A 284 13.71 -6.16 38.06
CA TYR A 284 14.80 -5.25 37.72
C TYR A 284 15.14 -4.35 38.90
N ASP A 285 16.39 -3.95 38.97
CA ASP A 285 16.86 -2.89 39.85
C ASP A 285 18.19 -2.39 39.35
N TRP A 286 18.57 -1.18 39.70
CA TRP A 286 19.81 -0.60 39.24
C TRP A 286 20.77 -0.78 40.37
N LYS A 287 21.94 -1.34 40.08
CA LYS A 287 22.93 -1.70 41.11
C LYS A 287 24.27 -1.05 40.82
N PRO A 288 25.02 -0.67 41.88
CA PRO A 288 26.36 -0.11 41.71
C PRO A 288 27.20 -1.09 40.95
N PHE A 289 28.06 -0.56 40.11
CA PHE A 289 28.87 -1.35 39.20
C PHE A 289 29.62 -2.54 39.91
N PRO A 290 30.25 -2.33 41.06
CA PRO A 290 30.96 -3.45 41.70
C PRO A 290 30.06 -4.57 42.15
N GLU A 291 28.82 -4.27 42.52
CA GLU A 291 27.84 -5.28 42.83
C GLU A 291 27.35 -5.98 41.56
N ALA A 292 27.06 -5.20 40.53
CA ALA A 292 26.65 -5.73 39.24
C ALA A 292 27.66 -6.71 38.68
N ALA A 293 28.93 -6.48 38.93
CA ALA A 293 30.02 -7.31 38.43
C ALA A 293 30.13 -8.71 39.06
N GLN A 294 29.34 -8.99 40.08
CA GLN A 294 29.37 -10.28 40.78
C GLN A 294 28.36 -11.27 40.16
N PHE A 295 28.06 -11.05 38.86
CA PHE A 295 27.12 -11.85 38.04
C PHE A 295 27.37 -13.37 38.13
N GLY A 296 28.61 -13.74 38.47
CA GLY A 296 29.04 -15.13 38.57
C GLY A 296 28.31 -15.92 39.64
N ALA A 297 27.94 -15.24 40.73
CA ALA A 297 27.12 -15.80 41.81
C ALA A 297 25.69 -16.19 41.32
N LYS A 298 25.26 -15.57 40.22
CA LYS A 298 23.92 -15.73 39.67
C LYS A 298 22.84 -15.39 40.74
N GLU A 299 22.99 -14.19 41.31
CA GLU A 299 21.97 -13.49 42.08
C GLU A 299 21.48 -12.26 41.20
N TRP A 300 22.04 -11.08 41.36
CA TRP A 300 21.75 -9.95 40.44
C TRP A 300 22.67 -10.06 39.22
N ILE A 301 22.08 -10.03 38.04
CA ILE A 301 22.84 -10.22 36.84
C ILE A 301 22.58 -8.97 35.98
N PRO A 302 23.60 -8.32 35.45
CA PRO A 302 23.32 -7.23 34.51
C PRO A 302 22.46 -7.69 33.34
N VAL A 303 21.60 -6.80 32.84
CA VAL A 303 20.92 -6.99 31.58
C VAL A 303 22.03 -6.88 30.55
N HIS A 304 22.11 -7.80 29.60
CA HIS A 304 23.16 -7.76 28.60
C HIS A 304 22.69 -8.25 27.25
N VAL A 305 23.23 -7.61 26.21
CA VAL A 305 23.11 -8.14 24.86
C VAL A 305 24.51 -8.47 24.41
N ASP A 306 24.70 -9.68 23.89
CA ASP A 306 26.03 -10.24 23.71
C ASP A 306 26.57 -10.03 22.29
N HIS A 307 27.86 -9.80 22.21
CA HIS A 307 28.55 -9.57 20.97
C HIS A 307 30.01 -9.98 21.15
N HIS A 308 30.67 -10.34 20.07
CA HIS A 308 32.05 -10.85 20.21
C HIS A 308 33.03 -9.80 20.69
N LYS A 309 32.76 -8.53 20.45
CA LYS A 309 33.62 -7.44 20.96
C LYS A 309 33.34 -7.03 22.42
N GLY A 310 32.39 -7.67 23.09
CA GLY A 310 32.02 -7.25 24.43
C GLY A 310 30.50 -7.24 24.58
N ASN A 311 30.00 -7.72 25.70
CA ASN A 311 28.58 -7.73 25.98
C ASN A 311 28.16 -6.42 26.59
N ILE A 312 27.05 -5.87 26.13
CA ILE A 312 26.70 -4.51 26.47
C ILE A 312 25.48 -4.45 27.37
N SER A 313 25.53 -3.62 28.41
CA SER A 313 24.48 -3.49 29.42
C SER A 313 24.03 -2.02 29.51
N PRO A 314 22.78 -1.77 29.94
CA PRO A 314 22.36 -0.39 30.20
C PRO A 314 23.02 0.11 31.51
N ALA A 315 23.40 1.38 31.56
CA ALA A 315 24.11 1.92 32.72
C ALA A 315 23.92 3.42 32.79
N VAL A 316 23.67 3.92 33.99
CA VAL A 316 23.69 5.32 34.25
C VAL A 316 25.11 5.67 34.68
N LEU A 317 25.71 6.62 33.98
CA LEU A 317 27.04 7.14 34.27
C LEU A 317 26.89 8.41 35.10
N ILE A 318 27.92 8.69 35.90
CA ILE A 318 28.05 9.98 36.58
C ILE A 318 29.10 10.80 35.85
N VAL A 319 28.67 11.88 35.21
CA VAL A 319 29.50 12.74 34.39
C VAL A 319 29.28 14.19 34.84
N ASP A 320 30.35 14.86 35.27
CA ASP A 320 30.23 16.23 35.74
C ASP A 320 29.29 16.26 36.94
N GLY A 321 29.31 15.23 37.78
CA GLY A 321 28.41 15.14 38.91
C GLY A 321 26.94 14.88 38.60
N LYS A 322 26.60 14.65 37.34
CA LYS A 322 25.21 14.43 36.91
C LYS A 322 25.01 13.00 36.42
N GLU A 323 23.77 12.55 36.52
CA GLU A 323 23.34 11.21 36.12
C GLU A 323 22.86 11.22 34.68
N ILE A 324 23.25 10.21 33.90
CA ILE A 324 22.96 10.18 32.46
C ILE A 324 23.02 8.75 31.95
N LEU A 325 21.95 8.33 31.26
CA LEU A 325 21.82 6.97 30.80
C LEU A 325 22.57 6.70 29.48
N GLY A 326 23.42 5.67 29.54
CA GLY A 326 24.13 5.16 28.37
C GLY A 326 24.41 3.66 28.50
N LYS A 327 25.62 3.25 28.22
CA LYS A 327 25.89 1.81 28.10
C LYS A 327 27.19 1.45 28.84
N ALA A 328 27.37 0.17 29.18
CA ALA A 328 28.65 -0.30 29.76
C ALA A 328 28.89 -1.73 29.33
N ASP A 329 30.18 -2.03 29.27
CA ASP A 329 30.71 -3.36 29.13
C ASP A 329 31.34 -3.68 30.48
N ILE A 330 30.66 -4.50 31.26
CA ILE A 330 31.04 -4.76 32.63
C ILE A 330 32.37 -5.52 32.64
N ARG A 331 32.49 -6.56 31.82
CA ARG A 331 33.69 -7.40 31.88
C ARG A 331 34.94 -6.58 31.53
N ASN A 332 34.80 -5.60 30.65
CA ASN A 332 35.95 -4.86 30.14
C ASN A 332 36.07 -3.49 30.81
N GLU A 333 35.28 -3.26 31.86
CA GLU A 333 35.25 -1.99 32.57
C GLU A 333 35.28 -0.76 31.65
N ARG A 334 34.25 -0.61 30.82
CA ARG A 334 34.11 0.57 29.98
C ARG A 334 32.65 1.01 30.05
N ALA A 335 32.42 2.30 29.96
CA ALA A 335 31.06 2.84 29.92
C ALA A 335 31.06 4.14 29.16
N THR A 336 30.02 4.35 28.36
CA THR A 336 29.92 5.55 27.54
C THR A 336 28.51 6.11 27.37
N ILE A 337 28.44 7.36 26.94
CA ILE A 337 27.20 8.02 26.57
C ILE A 337 27.44 8.77 25.28
N GLY A 338 26.36 9.01 24.56
CA GLY A 338 26.33 10.05 23.57
C GLY A 338 26.01 11.35 24.27
N TYR A 339 26.84 12.38 24.10
CA TYR A 339 26.54 13.68 24.66
C TYR A 339 27.42 14.77 24.06
N GLY A 340 26.87 15.95 23.84
CA GLY A 340 27.65 17.10 23.45
C GLY A 340 28.29 16.96 22.10
N GLY A 341 27.68 16.20 21.21
CA GLY A 341 28.21 15.99 19.87
C GLY A 341 29.34 14.99 19.77
N THR A 342 29.54 14.19 20.82
CA THR A 342 30.55 13.17 20.81
C THR A 342 30.15 11.95 21.66
N GLU A 343 31.04 10.96 21.75
CA GLU A 343 30.84 9.84 22.67
C GLU A 343 31.80 10.08 23.84
N LYS A 344 31.26 10.21 25.04
CA LYS A 344 32.07 10.38 26.24
C LYS A 344 32.33 9.00 26.85
N VAL A 345 33.61 8.71 27.06
CA VAL A 345 34.05 7.39 27.46
C VAL A 345 34.73 7.36 28.85
N LEU A 346 34.28 6.45 29.71
CA LEU A 346 34.89 6.11 30.98
C LEU A 346 35.48 4.70 30.96
N VAL A 347 36.64 4.51 31.57
CA VAL A 347 37.25 3.20 31.69
C VAL A 347 37.84 2.98 33.09
N GLY A 348 37.99 1.70 33.39
CA GLY A 348 38.70 1.23 34.58
C GLY A 348 37.96 1.67 35.82
N PRO A 349 38.68 2.26 36.79
CA PRO A 349 38.04 2.67 38.05
C PRO A 349 36.96 3.74 37.86
N ALA A 350 37.08 4.52 36.80
CA ALA A 350 36.09 5.53 36.51
C ALA A 350 34.69 4.92 36.25
N VAL A 351 34.58 3.62 35.94
CA VAL A 351 33.25 3.02 35.73
C VAL A 351 32.62 2.48 37.01
N HIS A 352 33.40 2.42 38.10
CA HIS A 352 32.91 1.84 39.33
C HIS A 352 31.75 2.65 39.95
N SER A 353 31.64 3.95 39.65
CA SER A 353 30.49 4.78 40.05
C SER A 353 29.18 4.58 39.22
N CYS A 354 29.28 3.82 38.14
CA CYS A 354 28.13 3.57 37.24
C CYS A 354 27.05 2.82 38.03
N MSE A 355 25.79 3.00 37.64
CA MSE A 355 24.71 2.20 38.18
C MSE A 355 24.19 1.33 37.01
O MSE A 355 23.79 1.86 35.98
CB MSE A 355 23.59 3.08 38.75
CG MSE A 355 24.02 4.10 39.83
SE MSE A 355 24.36 3.03 41.40
CE MSE A 355 22.67 2.29 41.83
N VAL A 356 24.23 0.02 37.15
CA VAL A 356 23.97 -0.88 36.02
C VAL A 356 22.59 -1.51 36.18
N LEU A 357 21.82 -1.61 35.09
CA LEU A 357 20.51 -2.26 35.18
C LEU A 357 20.74 -3.76 35.30
N CYS A 358 20.27 -4.34 36.40
CA CYS A 358 20.36 -5.76 36.66
C CYS A 358 18.99 -6.33 36.88
N ARG A 359 18.96 -7.66 36.85
CA ARG A 359 17.78 -8.41 37.16
C ARG A 359 18.14 -9.64 38.01
N LYS A 360 17.14 -10.10 38.74
CA LYS A 360 17.30 -11.21 39.69
C LYS A 360 16.14 -12.13 39.50
N ALA A 361 16.45 -13.40 39.35
CA ALA A 361 15.43 -14.41 39.18
C ALA A 361 14.57 -14.54 40.44
N LYS A 362 13.28 -14.68 40.22
CA LYS A 362 12.34 -15.05 41.26
C LYS A 362 12.50 -16.53 41.64
N PRO A 363 12.07 -16.88 42.86
CA PRO A 363 12.12 -18.30 43.27
C PRO A 363 11.39 -19.17 42.24
N GLY A 364 12.01 -20.29 41.89
CA GLY A 364 11.51 -21.21 40.90
C GLY A 364 11.92 -20.95 39.46
N CYS A 365 12.57 -19.80 39.23
CA CYS A 365 12.95 -19.35 37.90
C CYS A 365 14.45 -19.26 37.75
N THR A 366 14.90 -19.40 36.50
CA THR A 366 16.29 -19.33 36.17
C THR A 366 16.46 -18.33 35.00
N ILE A 367 17.41 -17.43 35.17
CA ILE A 367 17.76 -16.47 34.12
C ILE A 367 19.26 -16.53 33.83
N ASP A 368 19.63 -15.96 32.70
CA ASP A 368 20.99 -15.69 32.39
C ASP A 368 21.27 -14.17 32.32
N ALA B 6 13.14 9.83 -22.54
CA ALA B 6 11.68 9.88 -22.17
C ALA B 6 11.42 10.36 -20.74
N LYS B 7 10.50 11.31 -20.60
CA LYS B 7 10.03 11.81 -19.29
C LYS B 7 9.43 10.69 -18.42
N GLU B 8 9.37 10.95 -17.11
CA GLU B 8 8.68 10.06 -16.17
C GLU B 8 7.19 10.26 -16.26
N ASP B 9 6.46 9.23 -15.87
CA ASP B 9 5.01 9.32 -15.75
C ASP B 9 4.62 10.40 -14.78
N THR B 10 3.50 11.04 -15.04
CA THR B 10 2.98 12.02 -14.12
C THR B 10 1.73 11.48 -13.43
N TRP B 11 1.77 11.45 -12.11
CA TRP B 11 0.66 11.00 -11.27
C TRP B 11 0.15 12.23 -10.53
N ALA B 12 -0.96 12.79 -10.96
CA ALA B 12 -1.44 14.07 -10.43
C ALA B 12 -2.20 13.86 -9.13
N PHE B 13 -1.95 14.69 -8.12
CA PHE B 13 -2.74 14.61 -6.90
C PHE B 13 -4.17 15.08 -7.11
N GLY B 14 -5.09 14.37 -6.45
CA GLY B 14 -6.50 14.68 -6.53
C GLY B 14 -7.20 14.30 -5.25
N PRO B 15 -7.70 15.30 -4.50
CA PRO B 15 -8.52 15.04 -3.33
C PRO B 15 -9.72 14.16 -3.66
N ILE B 16 -9.99 13.15 -2.84
CA ILE B 16 -11.23 12.40 -2.91
C ILE B 16 -12.36 13.39 -2.65
N GLY B 17 -13.41 13.31 -3.46
CA GLY B 17 -14.56 14.18 -3.32
C GLY B 17 -14.40 15.54 -4.01
N SER B 18 -13.33 15.73 -4.77
CA SER B 18 -13.17 16.87 -5.66
C SER B 18 -13.02 16.41 -7.12
N PRO B 19 -13.20 17.33 -8.08
CA PRO B 19 -13.06 16.99 -9.51
C PRO B 19 -11.71 16.43 -9.88
N PHE B 20 -11.71 15.71 -10.99
CA PHE B 20 -10.49 15.16 -11.51
C PHE B 20 -9.53 16.25 -11.88
N PRO B 21 -8.24 15.95 -11.74
CA PRO B 21 -7.21 16.80 -12.31
C PRO B 21 -7.29 16.72 -13.83
N ASP B 22 -6.57 17.60 -14.51
CA ASP B 22 -6.55 17.59 -15.97
C ASP B 22 -6.07 16.27 -16.54
N ASN B 23 -6.72 15.90 -17.65
CA ASN B 23 -6.21 14.88 -18.54
C ASN B 23 -5.93 13.54 -17.81
N PRO B 24 -6.90 13.07 -17.02
CA PRO B 24 -6.73 11.75 -16.38
C PRO B 24 -6.73 10.63 -17.43
N VAL B 25 -6.15 9.47 -17.13
CA VAL B 25 -6.10 8.39 -18.10
C VAL B 25 -7.18 7.36 -17.76
N LYS B 26 -8.05 7.11 -18.72
CA LYS B 26 -9.12 6.12 -18.58
C LYS B 26 -8.64 4.75 -18.81
N ALA B 27 -9.22 3.80 -18.07
CA ALA B 27 -9.03 2.41 -18.45
C ALA B 27 -9.65 2.19 -19.86
N LEU B 28 -8.92 1.49 -20.74
CA LEU B 28 -9.33 1.30 -22.13
C LEU B 28 -10.70 0.74 -22.20
N GLY B 29 -11.58 1.41 -22.93
CA GLY B 29 -12.91 0.88 -23.25
C GLY B 29 -13.93 1.09 -22.15
N GLN B 30 -13.56 1.80 -21.10
CA GLN B 30 -14.42 1.93 -19.93
C GLN B 30 -14.91 3.39 -19.89
N GLN B 31 -16.19 3.57 -19.63
CA GLN B 31 -16.80 4.88 -19.65
C GLN B 31 -16.42 5.77 -18.46
N ASN B 32 -16.22 5.14 -17.30
CA ASN B 32 -16.09 5.88 -16.05
C ASN B 32 -15.16 5.16 -15.06
N MSE B 33 -13.93 4.91 -15.49
CA MSE B 33 -12.97 4.21 -14.69
C MSE B 33 -11.58 4.72 -15.10
O MSE B 33 -11.29 4.75 -16.26
CB MSE B 33 -13.12 2.71 -14.90
CG MSE B 33 -12.24 1.89 -14.04
SE MSE B 33 -12.68 -0.07 -14.28
CE MSE B 33 -14.55 -0.10 -13.91
N TYR B 34 -10.80 5.19 -14.14
CA TYR B 34 -9.54 5.89 -14.38
C TYR B 34 -8.42 5.29 -13.53
N VAL B 35 -7.19 5.35 -14.01
CA VAL B 35 -6.04 4.72 -13.35
C VAL B 35 -5.59 5.55 -12.16
N ALA B 36 -5.59 4.93 -10.98
CA ALA B 36 -5.32 5.63 -9.75
C ALA B 36 -4.21 4.96 -8.97
N LEU B 37 -3.59 5.73 -8.06
CA LEU B 37 -2.42 5.29 -7.33
C LEU B 37 -2.53 5.75 -5.89
N TRP B 38 -2.22 4.84 -4.96
CA TRP B 38 -2.22 5.16 -3.54
C TRP B 38 -0.95 4.65 -2.85
N TYR B 39 -0.41 5.44 -1.92
CA TYR B 39 0.69 4.99 -1.06
C TYR B 39 0.27 4.68 0.38
N LYS B 40 0.85 3.63 0.92
CA LYS B 40 0.59 3.20 2.28
C LYS B 40 1.92 2.76 2.86
N ASN B 41 2.39 3.52 3.85
CA ASN B 41 3.65 3.26 4.50
C ASN B 41 4.82 3.32 3.52
N GLY B 42 4.66 4.11 2.46
CA GLY B 42 5.69 4.29 1.44
C GLY B 42 5.58 3.35 0.26
N ARG B 43 4.67 2.39 0.36
CA ARG B 43 4.45 1.38 -0.68
C ARG B 43 3.37 1.81 -1.66
N PRO B 44 3.71 1.90 -2.94
CA PRO B 44 2.71 2.18 -3.99
C PRO B 44 1.80 1.01 -4.34
N MSE B 45 0.53 1.29 -4.62
CA MSE B 45 -0.37 0.30 -5.20
C MSE B 45 -1.44 0.96 -6.06
O MSE B 45 -1.95 2.03 -5.73
CB MSE B 45 -1.04 -0.57 -4.15
CG MSE B 45 -2.04 0.13 -3.30
SE MSE B 45 -2.14 -0.80 -1.58
CE MSE B 45 -0.49 0.06 -0.73
N HIS B 46 -1.83 0.25 -7.12
CA HIS B 46 -2.73 0.85 -8.07
C HIS B 46 -4.15 0.40 -7.81
N GLY B 47 -5.09 1.25 -8.19
CA GLY B 47 -6.50 0.99 -8.12
C GLY B 47 -7.21 1.85 -9.15
N ARG B 48 -8.44 2.19 -8.86
CA ARG B 48 -9.28 2.91 -9.79
C ARG B 48 -10.01 4.08 -9.13
N ALA B 49 -10.25 5.09 -9.94
CA ALA B 49 -11.10 6.22 -9.60
C ALA B 49 -12.22 6.33 -10.60
N TRP B 50 -13.31 6.94 -10.17
CA TRP B 50 -14.42 7.23 -11.06
C TRP B 50 -15.15 8.49 -10.64
N ASN B 51 -16.00 8.92 -11.53
CA ASN B 51 -16.82 10.12 -11.36
C ASN B 51 -18.15 9.78 -10.72
N ASN B 52 -18.41 10.36 -9.54
CA ASN B 52 -19.76 10.40 -9.02
C ASN B 52 -20.09 11.82 -8.63
N GLY B 53 -21.12 12.38 -9.25
CA GLY B 53 -21.52 13.77 -9.01
C GLY B 53 -20.45 14.79 -9.36
N GLY B 54 -19.59 14.49 -10.34
CA GLY B 54 -18.52 15.38 -10.76
C GLY B 54 -17.22 15.36 -9.99
N VAL B 55 -17.12 14.45 -9.02
CA VAL B 55 -15.96 14.39 -8.17
C VAL B 55 -15.46 12.94 -8.06
N ILE B 56 -14.30 12.79 -7.46
CA ILE B 56 -13.57 11.51 -7.39
C ILE B 56 -14.12 10.62 -6.29
N GLU B 57 -14.50 9.40 -6.68
CA GLU B 57 -14.57 8.26 -5.78
C GLU B 57 -13.53 7.24 -6.21
N CYS B 58 -13.15 6.33 -5.32
CA CYS B 58 -12.06 5.41 -5.65
C CYS B 58 -12.10 4.11 -4.86
N SER B 59 -11.30 3.16 -5.34
CA SER B 59 -11.25 1.83 -4.78
C SER B 59 -9.85 1.25 -4.91
N PHE B 60 -9.24 0.87 -3.78
CA PHE B 60 -7.95 0.19 -3.78
C PHE B 60 -8.01 -1.11 -2.96
N PRO B 61 -7.24 -2.12 -3.35
CA PRO B 61 -7.12 -3.34 -2.53
C PRO B 61 -5.93 -3.26 -1.58
N TYR B 62 -6.17 -3.31 -0.27
CA TYR B 62 -5.11 -3.31 0.73
C TYR B 62 -5.36 -4.37 1.84
N ASN B 63 -4.37 -5.24 2.08
CA ASN B 63 -4.45 -6.23 3.16
C ASN B 63 -5.84 -6.87 3.20
N LYS B 64 -6.26 -7.34 2.02
CA LYS B 64 -7.53 -8.07 1.80
C LYS B 64 -8.82 -7.27 2.02
N SER B 65 -8.70 -5.96 2.18
CA SER B 65 -9.86 -5.08 2.28
C SER B 65 -9.93 -4.16 1.06
N GLU B 66 -11.15 -3.80 0.67
CA GLU B 66 -11.36 -2.65 -0.22
C GLU B 66 -11.42 -1.32 0.56
N LEU B 67 -10.54 -0.40 0.19
CA LEU B 67 -10.52 0.94 0.77
C LEU B 67 -11.08 1.92 -0.27
N THR B 68 -12.06 2.70 0.17
CA THR B 68 -12.73 3.70 -0.68
C THR B 68 -12.76 5.09 -0.04
N GLY B 69 -12.58 5.19 1.29
CA GLY B 69 -12.85 6.42 2.01
C GLY B 69 -11.63 7.16 2.51
N VAL B 70 -11.79 8.46 2.66
CA VAL B 70 -10.80 9.33 3.24
C VAL B 70 -10.27 8.87 4.62
N LYS B 71 -11.11 8.22 5.42
CA LYS B 71 -10.67 7.75 6.76
C LYS B 71 -9.56 6.68 6.65
N ASP B 72 -9.59 5.89 5.59
CA ASP B 72 -8.61 4.85 5.31
C ASP B 72 -7.49 5.28 4.36
N LEU B 73 -7.85 6.02 3.32
CA LEU B 73 -6.92 6.43 2.28
C LEU B 73 -6.21 7.75 2.59
N GLY B 74 -6.76 8.55 3.49
CA GLY B 74 -6.34 9.92 3.65
C GLY B 74 -6.99 10.83 2.62
N GLY B 75 -6.57 12.08 2.59
CA GLY B 75 -7.35 13.12 1.91
C GLY B 75 -7.38 12.99 0.40
N GLN B 76 -6.25 12.58 -0.16
CA GLN B 76 -6.00 12.59 -1.58
C GLN B 76 -5.30 11.32 -2.11
N ILE B 77 -5.63 10.97 -3.35
CA ILE B 77 -4.99 9.91 -4.10
C ILE B 77 -4.33 10.56 -5.29
N GLN B 78 -3.74 9.75 -6.15
CA GLN B 78 -3.15 10.25 -7.37
C GLN B 78 -3.84 9.58 -8.53
N VAL B 79 -3.97 10.33 -9.63
CA VAL B 79 -4.59 9.80 -10.84
C VAL B 79 -3.58 9.95 -11.97
N LEU B 80 -3.43 8.90 -12.77
CA LEU B 80 -2.48 8.96 -13.89
C LEU B 80 -2.90 10.09 -14.85
N GLN B 81 -1.91 10.83 -15.33
CA GLN B 81 -2.12 12.03 -16.15
C GLN B 81 -1.33 11.91 -17.44
N TYR B 82 -1.95 12.29 -18.56
CA TYR B 82 -1.29 12.33 -19.84
C TYR B 82 -1.66 13.63 -20.57
N LYS B 83 -0.76 14.60 -20.41
CA LYS B 83 -0.93 16.01 -20.86
C LYS B 83 0.27 16.26 -21.75
N GLY B 84 0.04 16.27 -23.06
CA GLY B 84 1.14 16.27 -24.01
C GLY B 84 0.88 15.30 -25.12
N ASN B 85 1.97 14.79 -25.70
CA ASN B 85 1.94 13.88 -26.84
C ASN B 85 3.28 13.20 -26.88
N HIS B 86 3.45 12.26 -27.80
CA HIS B 86 4.65 11.43 -27.83
C HIS B 86 5.97 12.18 -28.09
N LEU B 87 5.93 13.31 -28.78
CA LEU B 87 7.16 14.11 -29.02
C LEU B 87 7.57 14.91 -27.78
N SER B 88 6.61 15.66 -27.23
CA SER B 88 6.79 16.52 -26.03
C SER B 88 7.09 15.77 -24.74
N LEU B 89 6.69 14.48 -24.68
CA LEU B 89 6.89 13.69 -23.46
C LEU B 89 7.87 12.58 -23.69
N GLY B 90 7.99 12.11 -24.92
CA GLY B 90 8.89 11.01 -25.25
C GLY B 90 8.24 9.63 -25.08
N TYR B 91 6.93 9.61 -24.85
CA TYR B 91 6.19 8.35 -24.73
C TYR B 91 4.70 8.58 -24.94
N TRP B 92 4.01 7.46 -25.20
CA TRP B 92 2.56 7.44 -25.17
C TRP B 92 2.15 6.09 -24.55
N TYR B 93 0.90 6.03 -24.11
CA TYR B 93 0.40 4.87 -23.34
C TYR B 93 -0.43 3.97 -24.25
N ASN B 94 0.00 2.72 -24.36
CA ASN B 94 -0.65 1.71 -25.15
C ASN B 94 -1.05 0.56 -24.23
N TRP B 95 -2.34 0.26 -24.19
CA TRP B 95 -2.84 -0.91 -23.46
C TRP B 95 -2.58 -2.20 -24.24
N ILE B 96 -1.77 -3.06 -23.67
CA ILE B 96 -1.40 -4.30 -24.32
C ILE B 96 -1.89 -5.47 -23.45
N LYS B 97 -2.06 -6.63 -24.08
CA LYS B 97 -2.27 -7.86 -23.34
C LYS B 97 -1.12 -8.18 -22.46
N TYR B 98 -1.41 -8.60 -21.22
CA TYR B 98 -0.39 -9.01 -20.29
C TYR B 98 0.54 -10.03 -20.93
N SER B 99 -0.01 -10.99 -21.70
CA SER B 99 0.79 -12.04 -22.33
C SER B 99 1.79 -11.50 -23.35
N ASP B 100 1.51 -10.32 -23.92
CA ASP B 100 2.41 -9.69 -24.89
C ASP B 100 3.52 -8.80 -24.27
N ARG B 101 3.70 -8.85 -22.96
CA ARG B 101 4.59 -7.91 -22.30
C ARG B 101 6.04 -8.08 -22.71
N PHE B 102 6.52 -9.33 -22.81
CA PHE B 102 7.91 -9.57 -23.22
C PHE B 102 8.16 -9.21 -24.67
N ASP B 103 7.22 -9.47 -25.56
CA ASP B 103 7.36 -9.12 -26.97
C ASP B 103 7.45 -7.62 -27.15
N LYS B 104 6.71 -6.90 -26.31
CA LYS B 104 6.66 -5.45 -26.39
C LYS B 104 7.96 -4.82 -25.81
N MSE B 105 8.47 -5.41 -24.73
CA MSE B 105 9.72 -4.98 -24.10
C MSE B 105 10.96 -5.23 -24.97
O MSE B 105 11.90 -4.43 -24.94
CB MSE B 105 9.93 -5.71 -22.78
CG MSE B 105 9.35 -5.00 -21.61
SE MSE B 105 9.46 -6.09 -19.98
CE MSE B 105 7.71 -6.95 -19.99
N ASP B 106 10.95 -6.34 -25.70
CA ASP B 106 12.02 -6.69 -26.65
C ASP B 106 12.03 -5.72 -27.83
N LYS B 107 10.89 -5.10 -28.13
CA LYS B 107 10.83 -4.02 -29.12
C LYS B 107 11.05 -2.63 -28.48
N GLY B 108 11.41 -2.56 -27.20
CA GLY B 108 11.80 -1.31 -26.56
C GLY B 108 10.74 -0.51 -25.80
N ALA B 109 9.52 -1.03 -25.69
CA ALA B 109 8.55 -0.44 -24.74
C ALA B 109 8.96 -0.75 -23.31
N GLU B 110 8.60 0.17 -22.39
CA GLU B 110 8.72 0.00 -20.95
C GLU B 110 7.33 -0.21 -20.35
N MSE B 111 7.19 -1.13 -19.41
CA MSE B 111 5.93 -1.34 -18.72
C MSE B 111 5.75 -0.28 -17.64
O MSE B 111 6.65 -0.07 -16.85
CB MSE B 111 5.90 -2.71 -18.05
CG MSE B 111 6.02 -3.86 -19.04
SE MSE B 111 4.73 -3.80 -20.49
CE MSE B 111 5.95 -3.26 -22.02
N LEU B 112 4.59 0.38 -17.64
CA LEU B 112 4.28 1.36 -16.59
C LEU B 112 4.26 0.66 -15.24
N ARG B 113 4.91 1.26 -14.27
CA ARG B 113 4.88 0.74 -12.91
C ARG B 113 5.21 1.83 -11.89
N CYS B 114 4.82 1.58 -10.66
CA CYS B 114 5.38 2.27 -9.50
C CYS B 114 5.85 1.20 -8.53
N GLY B 115 7.16 1.18 -8.28
CA GLY B 115 7.78 0.08 -7.56
C GLY B 115 7.34 -1.25 -8.13
N ASP B 116 6.78 -2.10 -7.29
CA ASP B 116 6.38 -3.44 -7.73
C ASP B 116 4.95 -3.54 -8.21
N SER B 117 4.25 -2.40 -8.31
CA SER B 117 2.84 -2.39 -8.66
C SER B 117 2.67 -1.91 -10.07
N PHE B 118 1.82 -2.59 -10.82
CA PHE B 118 1.39 -2.00 -12.04
C PHE B 118 -0.10 -2.19 -12.27
N PRO B 119 -0.71 -1.19 -12.92
CA PRO B 119 -2.14 -1.26 -13.18
C PRO B 119 -2.45 -2.46 -14.06
N ILE B 120 -3.60 -3.06 -13.84
CA ILE B 120 -4.03 -4.17 -14.65
C ILE B 120 -5.55 -4.16 -14.75
N LEU B 121 -6.07 -4.32 -15.98
CA LEU B 121 -7.50 -4.21 -16.27
C LEU B 121 -8.04 -5.58 -16.65
N TRP B 122 -8.93 -6.09 -15.81
CA TRP B 122 -9.65 -7.31 -16.11
C TRP B 122 -10.84 -6.91 -16.97
N SER B 123 -10.55 -6.64 -18.24
CA SER B 123 -11.53 -6.04 -19.14
C SER B 123 -12.73 -6.98 -19.45
N GLU B 124 -12.50 -8.29 -19.48
CA GLU B 124 -13.55 -9.23 -19.87
C GLU B 124 -14.25 -9.87 -18.66
N ARG B 125 -14.02 -9.34 -17.46
CA ARG B 125 -14.65 -9.87 -16.24
C ARG B 125 -16.16 -9.90 -16.39
N PRO B 126 -16.80 -11.04 -16.18
CA PRO B 126 -18.27 -11.07 -16.27
C PRO B 126 -18.97 -10.07 -15.34
N GLY B 127 -19.91 -9.31 -15.90
CA GLY B 127 -20.66 -8.31 -15.16
C GLY B 127 -20.01 -6.95 -15.09
N GLY B 128 -18.86 -6.77 -15.72
CA GLY B 128 -18.15 -5.49 -15.70
C GLY B 128 -16.63 -5.60 -15.44
N ALA B 129 -15.85 -4.83 -16.18
CA ALA B 129 -14.41 -4.79 -15.98
C ALA B 129 -14.09 -4.27 -14.60
N LEU B 130 -12.96 -4.67 -14.05
CA LEU B 130 -12.41 -4.08 -12.86
C LEU B 130 -10.97 -3.75 -13.15
N LEU B 131 -10.54 -2.61 -12.63
CA LEU B 131 -9.17 -2.18 -12.65
C LEU B 131 -8.62 -2.28 -11.24
N GLY B 132 -7.46 -2.94 -11.17
CA GLY B 132 -6.69 -3.12 -9.96
C GLY B 132 -5.19 -3.10 -10.23
N TYR B 133 -4.42 -3.89 -9.52
CA TYR B 133 -2.98 -3.91 -9.74
C TYR B 133 -2.39 -5.30 -9.68
N ALA B 134 -1.31 -5.49 -10.39
CA ALA B 134 -0.51 -6.71 -10.31
C ALA B 134 0.78 -6.39 -9.57
N ASP B 135 1.22 -7.40 -8.83
CA ASP B 135 2.33 -7.30 -7.94
C ASP B 135 3.38 -8.07 -8.63
N ASN B 136 4.40 -7.37 -9.06
CA ASN B 136 5.51 -8.03 -9.66
C ASN B 136 6.26 -9.01 -8.70
N LYS B 137 5.94 -9.04 -7.42
CA LYS B 137 6.62 -10.03 -6.56
C LYS B 137 6.02 -11.40 -6.79
N THR B 138 4.74 -11.48 -6.48
CA THR B 138 4.01 -12.69 -6.43
C THR B 138 3.48 -13.02 -7.84
N GLU B 139 3.44 -12.03 -8.75
CA GLU B 139 2.74 -12.15 -10.06
C GLU B 139 1.24 -12.42 -9.88
N ILE B 140 0.69 -11.88 -8.80
CA ILE B 140 -0.73 -11.94 -8.51
C ILE B 140 -1.40 -10.59 -8.78
N ALA B 141 -2.55 -10.63 -9.44
CA ALA B 141 -3.39 -9.46 -9.71
C ALA B 141 -4.49 -9.36 -8.66
N ARG B 142 -4.70 -8.16 -8.12
CA ARG B 142 -5.69 -7.90 -7.07
C ARG B 142 -6.71 -6.87 -7.52
N PHE B 143 -7.98 -7.14 -7.29
CA PHE B 143 -9.10 -6.32 -7.70
C PHE B 143 -10.05 -6.10 -6.53
N SER B 144 -10.20 -4.85 -6.14
CA SER B 144 -11.09 -4.49 -5.06
C SER B 144 -12.51 -4.22 -5.56
N HIS B 145 -13.49 -4.81 -4.90
CA HIS B 145 -14.88 -4.65 -5.27
C HIS B 145 -15.75 -5.18 -4.13
N ASP B 146 -16.83 -4.45 -3.82
CA ASP B 146 -17.92 -4.94 -2.95
C ASP B 146 -17.38 -5.31 -1.56
N GLY B 147 -16.36 -4.61 -1.07
CA GLY B 147 -15.77 -4.88 0.23
C GLY B 147 -14.74 -6.00 0.26
N LYS B 148 -14.45 -6.60 -0.89
CA LYS B 148 -13.56 -7.76 -1.00
C LYS B 148 -12.39 -7.50 -1.97
N VAL B 149 -11.43 -8.40 -2.00
CA VAL B 149 -10.33 -8.35 -2.98
C VAL B 149 -10.21 -9.69 -3.70
N ASP B 150 -10.43 -9.69 -5.01
CA ASP B 150 -10.17 -10.86 -5.83
C ASP B 150 -8.66 -10.94 -6.00
N GLU B 151 -8.15 -12.17 -6.10
CA GLU B 151 -6.77 -12.45 -6.46
C GLU B 151 -6.74 -13.44 -7.61
N VAL B 152 -6.06 -13.09 -8.68
CA VAL B 152 -6.03 -13.94 -9.87
C VAL B 152 -4.60 -13.98 -10.39
N SER B 153 -4.15 -15.16 -10.84
CA SER B 153 -2.78 -15.30 -11.31
C SER B 153 -2.71 -16.38 -12.39
N GLY B 154 -1.50 -16.63 -12.90
CA GLY B 154 -1.29 -17.65 -13.93
C GLY B 154 -1.88 -17.30 -15.26
N SER B 155 -2.32 -18.31 -16.02
CA SER B 155 -2.77 -18.07 -17.39
C SER B 155 -4.02 -17.21 -17.47
N ALA B 156 -4.80 -17.09 -16.39
CA ALA B 156 -5.98 -16.23 -16.41
C ALA B 156 -5.67 -14.74 -16.59
N LEU B 157 -4.42 -14.35 -16.39
CA LEU B 157 -4.01 -12.96 -16.59
C LEU B 157 -3.78 -12.62 -18.07
N ALA B 158 -3.62 -13.65 -18.91
CA ALA B 158 -3.14 -13.45 -20.30
C ALA B 158 -3.80 -12.37 -21.14
N ASN B 159 -5.11 -12.26 -21.08
CA ASN B 159 -5.85 -11.29 -21.89
C ASN B 159 -6.22 -10.00 -21.17
N MSE B 160 -5.83 -9.88 -19.91
CA MSE B 160 -6.02 -8.63 -19.18
C MSE B 160 -5.02 -7.61 -19.74
O MSE B 160 -4.00 -7.98 -20.35
CB MSE B 160 -5.80 -8.84 -17.68
CG MSE B 160 -6.70 -9.92 -17.13
SE MSE B 160 -6.62 -9.80 -15.17
CE MSE B 160 -7.89 -11.34 -14.72
N LEU B 161 -5.33 -6.34 -19.57
CA LEU B 161 -4.55 -5.29 -20.22
C LEU B 161 -3.71 -4.54 -19.22
N ILE B 162 -2.48 -4.23 -19.62
CA ILE B 162 -1.59 -3.39 -18.85
C ILE B 162 -1.07 -2.25 -19.74
N ILE B 163 -0.55 -1.21 -19.13
CA ILE B 163 -0.07 -0.05 -19.90
C ILE B 163 1.42 -0.20 -20.21
N ALA B 164 1.73 -0.16 -21.49
CA ALA B 164 3.10 -0.04 -21.97
C ALA B 164 3.37 1.43 -22.30
N ARG B 165 4.50 1.95 -21.84
CA ARG B 165 5.01 3.23 -22.32
C ARG B 165 5.71 2.97 -23.67
N GLU B 166 5.12 3.40 -24.77
CA GLU B 166 5.73 3.21 -26.09
C GLU B 166 6.74 4.34 -26.32
N LEU B 167 8.01 4.00 -26.53
CA LEU B 167 9.08 5.01 -26.64
C LEU B 167 9.46 5.42 -28.07
N LYS B 168 9.00 4.66 -29.05
CA LYS B 168 9.27 4.95 -30.45
C LYS B 168 8.00 4.87 -31.25
N GLY B 169 7.78 5.87 -32.09
CA GLY B 169 6.56 5.93 -32.87
C GLY B 169 5.48 6.59 -32.04
N GLY B 170 4.38 6.94 -32.67
CA GLY B 170 3.28 7.58 -32.02
C GLY B 170 2.09 6.66 -32.07
N PRO B 171 0.99 7.11 -31.49
CA PRO B 171 -0.26 6.33 -31.51
C PRO B 171 -0.82 6.20 -32.91
N PRO B 172 -1.71 5.24 -33.13
CA PRO B 172 -2.14 4.88 -34.49
C PRO B 172 -2.73 6.03 -35.32
N TYR B 173 -3.50 6.92 -34.72
CA TYR B 173 -4.23 7.96 -35.47
C TYR B 173 -3.62 9.33 -35.26
N CYS B 174 -2.34 9.35 -34.92
CA CYS B 174 -1.65 10.61 -34.71
C CYS B 174 -1.47 11.30 -36.05
N GLU B 175 -1.82 12.59 -36.09
CA GLU B 175 -1.69 13.41 -37.29
C GLU B 175 -0.52 14.44 -37.15
N CYS B 176 0.38 14.22 -36.18
CA CYS B 176 1.63 14.99 -36.09
C CYS B 176 2.50 14.75 -37.32
N GLU B 177 3.47 15.63 -37.52
CA GLU B 177 4.26 15.63 -38.75
C GLU B 177 5.17 14.41 -38.95
N GLU B 178 5.84 13.91 -37.91
CA GLU B 178 6.70 12.75 -38.14
C GLU B 178 5.93 11.42 -38.27
N CYS B 179 4.76 11.33 -37.64
CA CYS B 179 3.83 10.21 -37.89
C CYS B 179 3.32 10.27 -39.34
N LYS B 180 3.11 11.48 -39.84
CA LYS B 180 2.67 11.70 -41.21
C LYS B 180 3.70 11.26 -42.24
N SER B 181 4.97 11.26 -41.85
CA SER B 181 6.07 10.89 -42.75
C SER B 181 6.43 9.40 -42.74
N GLU B 182 5.47 8.60 -42.31
CA GLU B 182 5.67 7.14 -42.22
C GLU B 182 5.02 6.36 -43.35
N PRO B 183 5.49 5.16 -43.67
CA PRO B 183 4.85 4.32 -44.69
C PRO B 183 3.34 4.10 -44.46
N PRO B 184 2.52 4.22 -45.51
CA PRO B 184 1.05 4.09 -45.37
C PRO B 184 0.57 2.72 -44.84
N LYS B 185 -0.52 2.67 -44.08
CA LYS B 185 -1.11 1.42 -43.52
C LYS B 185 -2.55 1.18 -43.96
N VAL B 188 -7.06 0.65 -38.81
CA VAL B 188 -8.23 0.06 -38.13
C VAL B 188 -9.17 1.15 -37.54
N ARG B 189 -10.39 1.24 -38.08
CA ARG B 189 -11.33 2.31 -37.71
C ARG B 189 -11.81 2.21 -36.25
N VAL B 190 -11.87 3.36 -35.59
CA VAL B 190 -12.30 3.39 -34.20
C VAL B 190 -13.81 3.17 -34.11
N THR B 191 -14.24 2.30 -33.20
CA THR B 191 -15.66 1.97 -33.10
C THR B 191 -16.29 2.42 -31.81
N LEU B 192 -15.49 3.01 -30.94
CA LEU B 192 -15.97 3.51 -29.66
C LEU B 192 -16.22 5.01 -29.73
N ASN B 193 -17.31 5.46 -29.13
CA ASN B 193 -17.58 6.89 -28.99
C ASN B 193 -16.43 7.54 -28.25
N GLU B 194 -15.98 8.70 -28.73
CA GLU B 194 -14.89 9.41 -28.10
C GLU B 194 -15.41 10.42 -27.06
N TRP B 195 -14.91 10.33 -25.84
CA TRP B 195 -15.36 11.14 -24.72
C TRP B 195 -14.19 11.83 -24.08
N ALA B 196 -14.19 13.16 -24.03
CA ALA B 196 -13.09 13.93 -23.49
C ALA B 196 -13.41 14.40 -22.08
N ASP B 197 -12.41 14.40 -21.22
CA ASP B 197 -12.59 14.87 -19.85
C ASP B 197 -12.30 16.36 -19.69
N PHE B 198 -13.27 17.08 -19.15
CA PHE B 198 -13.16 18.48 -18.75
C PHE B 198 -13.91 18.72 -17.46
N ARG B 199 -13.57 19.78 -16.73
CA ARG B 199 -14.40 20.24 -15.63
C ARG B 199 -15.26 21.45 -16.09
N CYS B 200 -16.44 21.56 -15.56
CA CYS B 200 -17.24 22.78 -15.76
C CYS B 200 -16.43 23.98 -15.28
N GLY B 201 -16.51 25.06 -16.05
CA GLY B 201 -15.70 26.25 -15.76
C GLY B 201 -14.36 26.26 -16.46
N ASP B 202 -13.92 25.11 -16.98
CA ASP B 202 -12.74 25.06 -17.85
C ASP B 202 -12.98 25.91 -19.11
N PRO B 203 -11.90 26.38 -19.71
CA PRO B 203 -11.97 27.07 -21.00
C PRO B 203 -12.66 26.18 -22.05
N TRP B 204 -13.49 26.80 -22.87
CA TRP B 204 -14.18 26.09 -23.93
C TRP B 204 -13.15 25.40 -24.79
N PRO B 205 -13.35 24.15 -25.12
CA PRO B 205 -12.37 23.46 -25.98
C PRO B 205 -12.50 23.92 -27.44
N THR B 206 -12.28 25.21 -27.75
CA THR B 206 -12.31 25.70 -29.16
C THR B 206 -11.41 24.85 -30.06
N VAL B 207 -10.52 24.12 -29.40
CA VAL B 207 -9.48 23.26 -29.95
C VAL B 207 -10.00 21.83 -30.31
N GLY B 208 -11.28 21.54 -29.98
CA GLY B 208 -11.85 20.18 -29.96
C GLY B 208 -13.08 20.03 -30.87
N THR B 209 -13.71 18.85 -30.91
CA THR B 209 -14.83 18.63 -31.84
C THR B 209 -16.18 18.21 -31.17
N PRO B 210 -16.79 19.07 -30.34
CA PRO B 210 -18.00 18.66 -29.60
C PRO B 210 -19.15 18.46 -30.54
N VAL B 211 -20.11 17.69 -30.11
CA VAL B 211 -21.28 17.31 -30.90
C VAL B 211 -22.49 18.17 -30.57
N ARG B 212 -22.85 19.03 -31.50
CA ARG B 212 -23.95 19.94 -31.29
C ARG B 212 -25.31 19.31 -31.53
N ALA B 213 -26.25 19.62 -30.64
CA ALA B 213 -27.66 19.23 -30.80
C ALA B 213 -28.16 19.53 -32.20
N LEU B 214 -28.68 18.51 -32.89
CA LEU B 214 -29.14 18.63 -34.27
C LEU B 214 -28.18 19.19 -35.33
N GLY B 215 -26.89 19.30 -35.02
CA GLY B 215 -25.91 19.93 -35.89
C GLY B 215 -26.20 21.39 -36.23
N ARG B 216 -26.99 22.07 -35.41
CA ARG B 216 -27.33 23.49 -35.65
C ARG B 216 -27.84 24.17 -34.40
N SER B 217 -27.97 25.49 -34.48
CA SER B 217 -28.52 26.23 -33.36
C SER B 217 -29.95 25.74 -33.18
N LEU B 218 -30.38 25.58 -31.94
CA LEU B 218 -31.72 25.16 -31.61
C LEU B 218 -32.65 26.39 -31.50
N ASP B 219 -33.94 26.16 -31.72
CA ASP B 219 -34.99 27.10 -31.39
C ASP B 219 -35.48 26.63 -30.02
N THR B 220 -34.80 27.16 -29.01
CA THR B 220 -34.81 26.56 -27.68
C THR B 220 -35.63 27.34 -26.65
N LEU B 221 -35.63 26.88 -25.41
CA LEU B 221 -36.41 27.49 -24.33
C LEU B 221 -35.80 28.80 -23.81
N PRO B 222 -36.62 29.67 -23.21
CA PRO B 222 -36.10 30.86 -22.53
C PRO B 222 -35.03 30.48 -21.51
N GLY B 223 -33.87 31.11 -21.63
CA GLY B 223 -32.83 30.97 -20.64
C GLY B 223 -31.72 30.06 -21.07
N GLU B 224 -31.88 29.43 -22.25
CA GLU B 224 -30.93 28.44 -22.74
C GLU B 224 -30.25 28.95 -23.99
N ASN B 225 -28.95 28.72 -24.06
CA ASN B 225 -28.18 29.03 -25.20
C ASN B 225 -28.59 28.11 -26.36
N PRO B 226 -28.76 28.68 -27.55
CA PRO B 226 -29.14 27.91 -28.75
C PRO B 226 -28.15 26.85 -29.20
N ASP B 227 -26.87 27.00 -28.86
CA ASP B 227 -25.82 26.08 -29.27
C ASP B 227 -25.44 25.18 -28.09
N GLN B 228 -25.96 23.95 -28.12
CA GLN B 228 -25.91 23.05 -27.00
C GLN B 228 -25.19 21.79 -27.47
N TYR B 229 -24.30 21.28 -26.62
CA TYR B 229 -23.48 20.12 -26.99
C TYR B 229 -23.62 19.00 -25.97
N VAL B 230 -23.46 17.78 -26.47
CA VAL B 230 -23.65 16.58 -25.68
C VAL B 230 -22.60 16.39 -24.64
N ALA B 231 -23.02 16.22 -23.41
CA ALA B 231 -22.14 15.82 -22.32
C ALA B 231 -22.74 14.81 -21.37
N LEU B 232 -21.84 14.13 -20.64
CA LEU B 232 -22.16 13.08 -19.68
C LEU B 232 -21.68 13.43 -18.28
N TRP B 233 -22.55 13.20 -17.31
CA TRP B 233 -22.28 13.35 -15.90
C TRP B 233 -22.77 12.08 -15.16
N TYR B 234 -22.50 11.99 -13.87
CA TYR B 234 -22.96 10.84 -13.06
C TYR B 234 -23.58 11.35 -11.78
N GLN B 235 -24.66 10.73 -11.34
CA GLN B 235 -25.32 10.99 -10.07
C GLN B 235 -25.78 9.67 -9.45
N SER B 236 -25.38 9.39 -8.21
CA SER B 236 -25.69 8.10 -7.53
C SER B 236 -25.34 6.92 -8.43
N GLY B 237 -24.19 7.01 -9.10
CA GLY B 237 -23.76 6.00 -10.05
C GLY B 237 -24.53 5.85 -11.36
N GLU B 238 -25.52 6.69 -11.65
CA GLU B 238 -26.26 6.62 -12.91
C GLU B 238 -25.69 7.64 -13.93
N PRO B 239 -25.60 7.27 -15.20
CA PRO B 239 -25.16 8.20 -16.22
C PRO B 239 -26.29 9.16 -16.53
N VAL B 240 -25.93 10.42 -16.71
CA VAL B 240 -26.89 11.47 -16.98
C VAL B 240 -26.38 12.24 -18.19
N MSE B 241 -27.07 12.13 -19.30
CA MSE B 241 -26.72 12.92 -20.46
C MSE B 241 -27.32 14.32 -20.25
O MSE B 241 -28.38 14.47 -19.62
CB MSE B 241 -27.25 12.35 -21.76
CG MSE B 241 -26.63 11.03 -22.15
SE MSE B 241 -24.74 11.26 -22.61
CE MSE B 241 -24.44 9.31 -23.15
N GLY B 242 -26.59 15.32 -20.74
CA GLY B 242 -27.04 16.71 -20.61
C GLY B 242 -26.39 17.60 -21.64
N ARG B 243 -26.43 18.90 -21.36
CA ARG B 243 -26.04 19.89 -22.33
C ARG B 243 -24.99 20.81 -21.75
N ILE B 244 -24.06 21.15 -22.61
CA ILE B 244 -23.09 22.23 -22.33
C ILE B 244 -23.18 23.31 -23.38
N TRP B 245 -22.67 24.48 -23.02
CA TRP B 245 -22.59 25.62 -23.90
C TRP B 245 -21.44 26.53 -23.47
N ASN B 246 -21.05 27.41 -24.40
CA ASN B 246 -19.91 28.30 -24.22
C ASN B 246 -20.41 29.58 -23.65
N ASP B 247 -20.18 29.75 -22.35
CA ASP B 247 -20.62 30.90 -21.56
C ASP B 247 -19.37 31.79 -21.30
N GLY B 248 -19.17 32.80 -22.13
CA GLY B 248 -18.06 33.71 -21.89
C GLY B 248 -16.68 33.09 -22.01
N GLY B 249 -16.56 32.06 -22.86
CA GLY B 249 -15.30 31.35 -23.06
C GLY B 249 -15.11 30.15 -22.14
N LYS B 250 -16.07 29.89 -21.24
CA LYS B 250 -15.97 28.81 -20.27
C LYS B 250 -17.10 27.79 -20.56
N ILE B 251 -16.82 26.52 -20.25
CA ILE B 251 -17.82 25.46 -20.32
C ILE B 251 -18.86 25.64 -19.24
N ALA B 252 -20.11 25.77 -19.63
CA ALA B 252 -21.25 25.80 -18.74
C ALA B 252 -22.11 24.58 -19.04
N ALA B 253 -22.74 24.06 -17.99
CA ALA B 253 -23.52 22.84 -18.10
C ALA B 253 -24.87 22.86 -17.40
N CYS B 254 -25.79 22.04 -17.89
CA CYS B 254 -27.02 21.78 -17.17
C CYS B 254 -27.45 20.31 -17.30
N PHE B 255 -27.70 19.67 -16.16
CA PHE B 255 -28.17 18.29 -16.12
C PHE B 255 -29.44 18.21 -15.29
N GLY B 256 -30.32 17.28 -15.66
CA GLY B 256 -31.49 16.93 -14.87
C GLY B 256 -31.41 15.48 -14.43
N TRP B 257 -31.59 15.28 -13.13
CA TRP B 257 -31.65 13.95 -12.53
C TRP B 257 -32.32 14.00 -11.15
N GLY B 258 -32.92 12.89 -10.73
CA GLY B 258 -33.52 12.77 -9.40
C GLY B 258 -34.57 13.79 -9.04
N GLY B 259 -35.27 14.30 -10.04
CA GLY B 259 -36.21 15.40 -9.89
C GLY B 259 -35.63 16.80 -9.71
N HIS B 260 -34.31 16.94 -9.89
CA HIS B 260 -33.58 18.21 -9.66
C HIS B 260 -32.91 18.76 -10.91
N GLU B 261 -32.60 20.05 -10.87
CA GLU B 261 -31.76 20.70 -11.85
C GLU B 261 -30.40 20.94 -11.24
N TYR B 262 -29.36 20.69 -12.03
CA TYR B 262 -27.98 20.97 -11.66
C TYR B 262 -27.40 21.92 -12.72
N ARG B 263 -27.12 23.15 -12.30
CA ARG B 263 -26.48 24.17 -13.12
C ARG B 263 -25.17 24.69 -12.53
N GLN B 264 -24.87 24.35 -11.29
CA GLN B 264 -23.66 24.86 -10.64
C GLN B 264 -22.97 23.74 -9.84
N LYS B 265 -21.69 23.93 -9.50
CA LYS B 265 -20.95 22.91 -8.76
C LYS B 265 -21.06 21.52 -9.45
N ILE B 266 -20.94 21.53 -10.78
CA ILE B 266 -21.09 20.29 -11.57
C ILE B 266 -19.79 19.50 -11.54
N GLY B 267 -18.64 20.18 -11.56
CA GLY B 267 -17.36 19.48 -11.56
C GLY B 267 -17.05 18.72 -12.84
N SER B 268 -16.53 17.49 -12.71
CA SER B 268 -16.03 16.77 -13.88
C SER B 268 -17.16 16.24 -14.71
N ILE B 269 -17.01 16.40 -16.01
CA ILE B 269 -17.92 15.89 -17.02
C ILE B 269 -17.13 15.30 -18.16
N GLN B 270 -17.85 14.64 -19.04
CA GLN B 270 -17.30 14.08 -20.26
C GLN B 270 -18.04 14.69 -21.45
N ILE B 271 -17.26 15.18 -22.41
CA ILE B 271 -17.79 15.79 -23.62
C ILE B 271 -17.59 14.86 -24.79
N LEU B 272 -18.65 14.62 -25.51
CA LEU B 272 -18.62 13.80 -26.70
C LEU B 272 -17.95 14.56 -27.82
N TYR B 273 -17.01 13.91 -28.47
CA TYR B 273 -16.24 14.48 -29.59
C TYR B 273 -16.50 13.67 -30.84
N GLU B 274 -16.67 14.36 -31.95
CA GLU B 274 -16.72 13.75 -33.27
C GLU B 274 -15.31 13.48 -33.79
N LEU B 275 -14.99 12.23 -34.09
CA LEU B 275 -13.65 11.88 -34.54
C LEU B 275 -13.48 12.30 -36.00
N PRO B 276 -12.24 12.56 -36.43
CA PRO B 276 -11.94 12.77 -37.85
C PRO B 276 -12.46 11.60 -38.67
N GLU B 277 -13.06 11.86 -39.83
CA GLU B 277 -13.68 10.83 -40.65
C GLU B 277 -12.71 9.72 -41.13
N ALA B 278 -11.46 10.09 -41.36
CA ALA B 278 -10.43 9.15 -41.79
C ALA B 278 -10.25 8.01 -40.81
N ILE B 279 -10.47 8.25 -39.53
CA ILE B 279 -10.17 7.26 -38.50
C ILE B 279 -11.36 6.61 -37.77
N ARG B 280 -12.57 7.10 -38.02
CA ARG B 280 -13.73 6.63 -37.28
C ARG B 280 -14.47 5.56 -38.04
N GLY B 281 -15.13 4.68 -37.30
CA GLY B 281 -15.81 3.54 -37.87
C GLY B 281 -17.31 3.71 -37.93
N PHE B 282 -17.78 4.91 -37.63
CA PHE B 282 -19.21 5.21 -37.62
C PHE B 282 -19.37 6.70 -37.85
N ASP B 283 -20.59 7.10 -38.21
CA ASP B 283 -20.99 8.49 -38.38
C ASP B 283 -22.20 8.82 -37.51
N TYR B 284 -22.24 10.04 -36.96
CA TYR B 284 -23.38 10.52 -36.15
C TYR B 284 -24.50 11.17 -36.95
N ASP B 285 -25.73 11.00 -36.49
CA ASP B 285 -26.84 11.80 -36.99
C ASP B 285 -27.92 11.85 -35.93
N TRP B 286 -28.75 12.88 -35.97
CA TRP B 286 -29.88 12.97 -35.04
C TRP B 286 -31.16 12.51 -35.74
N LYS B 287 -31.81 11.47 -35.21
CA LYS B 287 -32.96 10.89 -35.89
C LYS B 287 -34.22 10.90 -35.06
N PRO B 288 -35.40 11.00 -35.70
CA PRO B 288 -36.67 10.97 -34.96
C PRO B 288 -36.74 9.74 -34.09
N PHE B 289 -37.32 9.88 -32.91
CA PHE B 289 -37.40 8.80 -31.93
C PHE B 289 -37.97 7.46 -32.44
N PRO B 290 -39.02 7.47 -33.26
CA PRO B 290 -39.63 6.21 -33.77
C PRO B 290 -38.61 5.47 -34.62
N GLU B 291 -37.91 6.19 -35.50
CA GLU B 291 -36.81 5.59 -36.28
C GLU B 291 -35.61 5.14 -35.43
N ALA B 292 -35.25 5.88 -34.38
CA ALA B 292 -34.20 5.47 -33.45
C ALA B 292 -34.58 4.24 -32.62
N ALA B 293 -35.87 4.07 -32.36
CA ALA B 293 -36.33 2.99 -31.50
C ALA B 293 -36.43 1.63 -32.21
N GLN B 294 -36.25 1.59 -33.53
CA GLN B 294 -36.30 0.32 -34.28
C GLN B 294 -35.15 -0.58 -33.84
N GLU B 299 -29.61 -0.26 -38.25
CA GLU B 299 -28.56 0.51 -38.92
C GLU B 299 -28.17 1.81 -38.16
N TRP B 300 -29.17 2.61 -37.77
CA TRP B 300 -28.91 3.83 -36.97
C TRP B 300 -29.17 3.48 -35.53
N ILE B 301 -28.11 3.37 -34.77
CA ILE B 301 -28.17 2.95 -33.38
C ILE B 301 -28.00 4.14 -32.43
N PRO B 302 -28.94 4.33 -31.49
CA PRO B 302 -28.75 5.37 -30.48
C PRO B 302 -27.39 5.28 -29.81
N VAL B 303 -26.78 6.45 -29.64
CA VAL B 303 -25.69 6.53 -28.71
C VAL B 303 -26.24 6.21 -27.33
N HIS B 304 -25.53 5.36 -26.59
CA HIS B 304 -25.99 4.95 -25.26
C HIS B 304 -24.87 4.65 -24.28
N VAL B 305 -25.10 5.01 -23.03
CA VAL B 305 -24.31 4.58 -21.90
C VAL B 305 -25.20 3.74 -20.98
N ASP B 306 -24.68 2.56 -20.63
CA ASP B 306 -25.53 1.51 -20.01
C ASP B 306 -25.55 1.50 -18.50
N HIS B 307 -26.71 1.15 -17.96
CA HIS B 307 -26.91 1.08 -16.52
C HIS B 307 -28.06 0.14 -16.20
N HIS B 308 -27.99 -0.54 -15.06
CA HIS B 308 -29.03 -1.53 -14.73
C HIS B 308 -30.45 -0.94 -14.74
N LYS B 309 -30.61 0.34 -14.37
CA LYS B 309 -31.92 0.99 -14.38
C LYS B 309 -32.39 1.49 -15.75
N GLY B 310 -31.57 1.31 -16.78
CA GLY B 310 -31.92 1.71 -18.13
C GLY B 310 -30.76 2.45 -18.78
N ASN B 311 -30.67 2.31 -20.09
CA ASN B 311 -29.59 2.88 -20.87
C ASN B 311 -29.98 4.27 -21.37
N ILE B 312 -29.01 5.17 -21.27
CA ILE B 312 -29.26 6.60 -21.44
C ILE B 312 -28.59 7.11 -22.70
N SER B 313 -29.34 7.87 -23.47
CA SER B 313 -28.97 8.35 -24.78
C SER B 313 -29.12 9.91 -24.78
N PRO B 314 -28.30 10.58 -25.55
CA PRO B 314 -28.48 12.02 -25.79
C PRO B 314 -29.74 12.24 -26.65
N ALA B 315 -30.59 13.16 -26.24
CA ALA B 315 -31.77 13.46 -27.02
C ALA B 315 -32.22 14.92 -26.91
N VAL B 316 -32.66 15.47 -28.00
CA VAL B 316 -33.27 16.81 -28.02
C VAL B 316 -34.78 16.63 -27.82
N LEU B 317 -35.28 17.03 -26.66
CA LEU B 317 -36.71 17.01 -26.33
C LEU B 317 -37.45 18.20 -26.94
N ILE B 318 -38.76 18.04 -27.12
CA ILE B 318 -39.62 19.17 -27.48
C ILE B 318 -40.42 19.48 -26.24
N VAL B 319 -40.24 20.68 -25.71
CA VAL B 319 -40.93 21.11 -24.49
C VAL B 319 -41.54 22.49 -24.78
N ASP B 320 -42.84 22.63 -24.56
CA ASP B 320 -43.55 23.86 -24.94
C ASP B 320 -43.20 24.28 -26.38
N GLY B 321 -43.14 23.32 -27.30
CA GLY B 321 -42.79 23.57 -28.70
C GLY B 321 -41.34 23.88 -29.02
N LYS B 322 -40.48 23.88 -28.01
CA LYS B 322 -39.08 24.29 -28.21
C LYS B 322 -38.10 23.09 -28.11
N GLU B 323 -37.02 23.17 -28.87
CA GLU B 323 -35.95 22.15 -28.86
C GLU B 323 -34.99 22.36 -27.65
N ILE B 324 -34.72 21.31 -26.90
CA ILE B 324 -33.82 21.41 -25.73
C ILE B 324 -33.03 20.11 -25.48
N LEU B 325 -31.70 20.18 -25.49
CA LEU B 325 -30.88 18.98 -25.28
C LEU B 325 -30.95 18.41 -23.89
N GLY B 326 -31.34 17.15 -23.78
CA GLY B 326 -31.30 16.45 -22.52
C GLY B 326 -30.98 14.96 -22.67
N LYS B 327 -31.71 14.11 -21.94
CA LYS B 327 -31.45 12.67 -21.97
C LYS B 327 -32.76 11.84 -22.24
N ALA B 328 -32.59 10.64 -22.82
CA ALA B 328 -33.73 9.75 -23.05
C ALA B 328 -33.33 8.34 -22.73
N ASP B 329 -34.32 7.55 -22.38
CA ASP B 329 -34.20 6.11 -22.17
C ASP B 329 -35.07 5.59 -23.28
N ILE B 330 -34.47 5.26 -24.39
CA ILE B 330 -35.26 4.86 -25.60
C ILE B 330 -36.21 3.68 -25.39
N ARG B 331 -35.73 2.62 -24.75
CA ARG B 331 -36.46 1.36 -24.62
C ARG B 331 -37.65 1.56 -23.68
N ASN B 332 -37.48 2.46 -22.70
CA ASN B 332 -38.50 2.77 -21.70
C ASN B 332 -39.24 4.07 -21.95
N GLU B 333 -39.09 4.63 -23.15
CA GLU B 333 -39.80 5.83 -23.58
C GLU B 333 -39.92 6.88 -22.44
N ARG B 334 -38.76 7.29 -21.93
CA ARG B 334 -38.66 8.39 -20.97
C ARG B 334 -37.63 9.39 -21.53
N ALA B 335 -37.86 10.68 -21.28
CA ALA B 335 -36.89 11.71 -21.64
C ALA B 335 -37.02 12.82 -20.63
N THR B 336 -35.90 13.37 -20.18
CA THR B 336 -35.91 14.51 -19.27
C THR B 336 -34.84 15.55 -19.58
N ILE B 337 -35.05 16.72 -18.97
CA ILE B 337 -34.09 17.82 -18.91
C ILE B 337 -34.07 18.42 -17.51
N GLY B 338 -32.98 19.10 -17.18
CA GLY B 338 -32.98 20.04 -16.08
C GLY B 338 -33.47 21.34 -16.68
N TYR B 339 -34.42 21.98 -15.99
CA TYR B 339 -35.02 23.22 -16.46
C TYR B 339 -35.93 23.82 -15.38
N GLY B 340 -36.03 25.15 -15.34
CA GLY B 340 -36.89 25.83 -14.36
C GLY B 340 -36.70 25.42 -12.91
N GLY B 341 -35.47 25.10 -12.55
CA GLY B 341 -35.17 24.71 -11.19
C GLY B 341 -35.61 23.32 -10.78
N THR B 342 -35.95 22.48 -11.75
CA THR B 342 -36.37 21.10 -11.48
C THR B 342 -36.06 20.19 -12.69
N GLU B 343 -36.44 18.92 -12.63
CA GLU B 343 -36.28 18.00 -13.77
C GLU B 343 -37.65 17.86 -14.41
N LYS B 344 -37.75 18.26 -15.69
CA LYS B 344 -38.96 18.10 -16.46
C LYS B 344 -38.94 16.75 -17.18
N VAL B 345 -40.00 15.97 -16.98
CA VAL B 345 -40.07 14.60 -17.47
C VAL B 345 -41.13 14.45 -18.56
N LEU B 346 -40.73 13.89 -19.70
CA LEU B 346 -41.67 13.50 -20.74
C LEU B 346 -41.82 12.00 -20.73
N VAL B 347 -43.06 11.50 -20.84
CA VAL B 347 -43.31 10.05 -21.12
C VAL B 347 -44.31 9.83 -22.26
N GLY B 348 -44.34 8.58 -22.76
CA GLY B 348 -45.29 8.16 -23.77
C GLY B 348 -45.22 8.98 -25.04
N PRO B 349 -46.36 9.39 -25.58
CA PRO B 349 -46.40 10.12 -26.88
C PRO B 349 -45.52 11.38 -26.96
N ALA B 350 -45.35 12.09 -25.84
CA ALA B 350 -44.56 13.31 -25.82
C ALA B 350 -43.08 13.04 -26.17
N VAL B 351 -42.56 11.88 -25.77
CA VAL B 351 -41.16 11.52 -26.11
C VAL B 351 -40.94 11.15 -27.59
N HIS B 352 -42.02 10.90 -28.33
CA HIS B 352 -41.92 10.52 -29.74
C HIS B 352 -41.57 11.68 -30.66
N SER B 353 -41.61 12.89 -30.10
CA SER B 353 -41.08 14.06 -30.78
C SER B 353 -39.53 14.24 -30.61
N CYS B 354 -38.90 13.46 -29.71
CA CYS B 354 -37.45 13.58 -29.46
C CYS B 354 -36.65 13.36 -30.70
N MSE B 355 -35.54 14.07 -30.88
CA MSE B 355 -34.50 13.68 -31.81
C MSE B 355 -33.38 13.02 -31.01
O MSE B 355 -32.88 13.58 -30.07
CB MSE B 355 -33.95 14.89 -32.61
CG MSE B 355 -35.01 15.76 -33.28
SE MSE B 355 -35.96 14.73 -34.71
CE MSE B 355 -34.61 14.49 -36.01
N VAL B 356 -32.97 11.82 -31.41
CA VAL B 356 -32.01 11.02 -30.67
C VAL B 356 -30.72 10.93 -31.42
N LEU B 357 -29.61 11.14 -30.71
CA LEU B 357 -28.30 11.04 -31.34
C LEU B 357 -28.04 9.57 -31.60
N CYS B 358 -27.91 9.20 -32.86
CA CYS B 358 -27.60 7.83 -33.26
C CYS B 358 -26.30 7.82 -34.03
N ARG B 359 -25.80 6.63 -34.28
CA ARG B 359 -24.66 6.45 -35.18
C ARG B 359 -24.88 5.21 -36.09
N LYS B 360 -24.26 5.25 -37.27
CA LYS B 360 -24.34 4.17 -38.27
C LYS B 360 -22.94 3.71 -38.60
N ALA B 361 -22.69 2.41 -38.49
CA ALA B 361 -21.37 1.85 -38.79
C ALA B 361 -21.05 2.09 -40.27
N LYS B 362 -19.78 2.39 -40.55
CA LYS B 362 -19.28 2.47 -41.91
C LYS B 362 -19.02 1.05 -42.43
N PRO B 363 -18.95 0.86 -43.76
CA PRO B 363 -18.75 -0.47 -44.34
C PRO B 363 -17.58 -1.21 -43.72
N GLY B 364 -17.79 -2.50 -43.41
CA GLY B 364 -16.75 -3.31 -42.82
C GLY B 364 -16.43 -3.03 -41.35
N CYS B 365 -17.30 -2.30 -40.65
CA CYS B 365 -17.10 -2.03 -39.19
C CYS B 365 -18.34 -2.40 -38.34
N THR B 366 -18.08 -2.70 -37.08
CA THR B 366 -19.11 -3.16 -36.16
C THR B 366 -19.15 -2.27 -34.92
N ILE B 367 -20.33 -1.76 -34.64
CA ILE B 367 -20.59 -1.02 -33.41
C ILE B 367 -21.76 -1.60 -32.64
N ASP B 368 -21.78 -1.29 -31.36
CA ASP B 368 -22.91 -1.58 -30.50
C ASP B 368 -23.67 -0.26 -30.22
ZN ZN C . -6.56 -12.63 24.50
S SO4 D . 2.38 -2.66 5.39
O1 SO4 D . 1.50 -1.53 5.01
O2 SO4 D . 3.59 -2.07 5.94
O3 SO4 D . 1.67 -3.43 6.43
O4 SO4 D . 2.59 -3.54 4.23
S SO4 E . 23.16 -28.79 15.99
O1 SO4 E . 21.72 -28.54 15.95
O2 SO4 E . 23.82 -27.68 15.32
O3 SO4 E . 23.54 -28.89 17.43
O4 SO4 E . 23.44 -30.05 15.33
ZN ZN F . 2.73 11.46 -33.93
#